data_1RQY
# 
_entry.id   1RQY 
# 
_audit_conform.dict_name       mmcif_pdbx.dic 
_audit_conform.dict_version    5.376 
_audit_conform.dict_location   http://mmcif.pdb.org/dictionaries/ascii/mmcif_pdbx.dic 
# 
loop_
_database_2.database_id 
_database_2.database_code 
_database_2.pdbx_database_accession 
_database_2.pdbx_DOI 
PDB   1RQY         pdb_00001rqy 10.2210/pdb1rqy/pdb 
NDB   DD0062       ?            ?                   
RCSB  RCSB020972   ?            ?                   
WWPDB D_1000020972 ?            ?                   
# 
loop_
_pdbx_database_related.db_name 
_pdbx_database_related.db_id 
_pdbx_database_related.details 
_pdbx_database_related.content_type 
PDB 1FN1 'Crystal Structure Of 9-Amino-(N-(2-Dimethylamino)Butyl) Acridine-4-Carboxamide Bound To D(Cg(5Br)Uacg)2' unspecified 
PDB 1FN2 '9-Amino-(N-(2-Dimethylamino)Butyl)Acridine-4-Carboxamide Bound To D(Cgtacg)2'                            unspecified 
# 
_pdbx_database_status.status_code                     REL 
_pdbx_database_status.entry_id                        1RQY 
_pdbx_database_status.recvd_initial_deposition_date   2003-12-07 
_pdbx_database_status.deposit_site                    RCSB 
_pdbx_database_status.process_site                    RCSB 
_pdbx_database_status.status_code_sf                  REL 
_pdbx_database_status.SG_entry                        . 
_pdbx_database_status.pdb_format_compatible           Y 
_pdbx_database_status.status_code_mr                  ? 
_pdbx_database_status.status_code_cs                  ? 
_pdbx_database_status.status_code_nmr_data            ? 
_pdbx_database_status.methods_development_category    ? 
# 
loop_
_audit_author.name 
_audit_author.pdbx_ordinal 
'Adams, A.'     1 
'Guss, J.M.'    2 
'Denny, W.A.'   3 
'Wakelin, L.P.' 4 
# 
_citation.id                        primary 
_citation.title                     
;Structure of 9-amino-[N-(2-dimethylamino)propyl]acridine-4-carboxamide bound to d(CGTACG)(2): a comparison of structures of d(CGTACG)(2) complexed with intercalatorsin the presence of cobalt.
;
_citation.journal_abbrev            'Acta Crystallogr.,Sect.D' 
_citation.journal_volume            60 
_citation.page_first                823 
_citation.page_last                 828 
_citation.year                      2004 
_citation.journal_id_ASTM           ABCRE6 
_citation.country                   DK 
_citation.journal_id_ISSN           0907-4449 
_citation.journal_id_CSD            0766 
_citation.book_publisher            ? 
_citation.pdbx_database_id_PubMed   15103127 
_citation.pdbx_database_id_DOI      10.1107/S0907444904003907 
# 
loop_
_citation_author.citation_id 
_citation_author.name 
_citation_author.ordinal 
_citation_author.identifier_ORCID 
primary 'Adams, A.'     1 ? 
primary 'Guss, J.M.'    2 ? 
primary 'Denny, W.A.'   3 ? 
primary 'Wakelin, L.P.' 4 ? 
# 
_cell.entry_id           1RQY 
_cell.length_a           28.745 
_cell.length_b           52.124 
_cell.length_c           40.745 
_cell.angle_alpha        90.00 
_cell.angle_beta         90.00 
_cell.angle_gamma        90.00 
_cell.Z_PDB              16 
_cell.pdbx_unique_axis   ? 
# 
_symmetry.entry_id                         1RQY 
_symmetry.space_group_name_H-M             'C 2 2 2' 
_symmetry.pdbx_full_space_group_name_H-M   ? 
_symmetry.cell_setting                     ? 
_symmetry.Int_Tables_number                21 
# 
loop_
_entity.id 
_entity.type 
_entity.src_method 
_entity.pdbx_description 
_entity.formula_weight 
_entity.pdbx_number_of_molecules 
_entity.pdbx_ec 
_entity.pdbx_mutation 
_entity.pdbx_fragment 
_entity.details 
1 polymer     syn "5'-D(CP*GP*TP*AP*CP*G)-3'"                                 1809.217 2  ? ? ? ? 
2 non-polymer syn 'COBALT (II) ION'                                           58.933   2  ? ? ? ? 
3 non-polymer syn '9-AMINO-N-[3-(DIMETHYLAMINO)PROPYL]ACRIDINE-4-CARBOXAMIDE' 322.404  3  ? ? ? ? 
4 non-polymer syn 'MAGNESIUM ION'                                             24.305   2  ? ? ? ? 
5 water       nat water                                                       18.015   30 ? ? ? ? 
# 
_entity_poly.entity_id                      1 
_entity_poly.type                           polydeoxyribonucleotide 
_entity_poly.nstd_linkage                   no 
_entity_poly.nstd_monomer                   no 
_entity_poly.pdbx_seq_one_letter_code       '(DC)(DG)(DT)(DA)(DC)(DG)' 
_entity_poly.pdbx_seq_one_letter_code_can   CGTACG 
_entity_poly.pdbx_strand_id                 A,B 
_entity_poly.pdbx_target_identifier         ? 
# 
loop_
_entity_poly_seq.entity_id 
_entity_poly_seq.num 
_entity_poly_seq.mon_id 
_entity_poly_seq.hetero 
1 1 DC n 
1 2 DG n 
1 3 DT n 
1 4 DA n 
1 5 DC n 
1 6 DG n 
# 
_struct_ref.id                         1 
_struct_ref.entity_id                  1 
_struct_ref.db_name                    PDB 
_struct_ref.db_code                    1RQY 
_struct_ref.pdbx_db_accession          1RQY 
_struct_ref.pdbx_db_isoform            ? 
_struct_ref.pdbx_seq_one_letter_code   ? 
_struct_ref.pdbx_align_begin           ? 
# 
loop_
_struct_ref_seq.align_id 
_struct_ref_seq.ref_id 
_struct_ref_seq.pdbx_PDB_id_code 
_struct_ref_seq.pdbx_strand_id 
_struct_ref_seq.seq_align_beg 
_struct_ref_seq.pdbx_seq_align_beg_ins_code 
_struct_ref_seq.seq_align_end 
_struct_ref_seq.pdbx_seq_align_end_ins_code 
_struct_ref_seq.pdbx_db_accession 
_struct_ref_seq.db_align_beg 
_struct_ref_seq.pdbx_db_align_beg_ins_code 
_struct_ref_seq.db_align_end 
_struct_ref_seq.pdbx_db_align_end_ins_code 
_struct_ref_seq.pdbx_auth_seq_align_beg 
_struct_ref_seq.pdbx_auth_seq_align_end 
1 1 1RQY A 1 ? 6 ? 1RQY 0 ? 5 ? 0 5 
2 1 1RQY B 1 ? 6 ? 1RQY 1 ? 6 ? 1 6 
# 
loop_
_chem_comp.id 
_chem_comp.type 
_chem_comp.mon_nstd_flag 
_chem_comp.name 
_chem_comp.pdbx_synonyms 
_chem_comp.formula 
_chem_comp.formula_weight 
7AD non-polymer   . '9-AMINO-N-[3-(DIMETHYLAMINO)PROPYL]ACRIDINE-4-CARBOXAMIDE' ? 'C19 H22 N4 O'    322.404 
CO  non-polymer   . 'COBALT (II) ION'                                           ? 'Co 2'            58.933  
DA  'DNA linking' y "2'-DEOXYADENOSINE-5'-MONOPHOSPHATE"                        ? 'C10 H14 N5 O6 P' 331.222 
DC  'DNA linking' y "2'-DEOXYCYTIDINE-5'-MONOPHOSPHATE"                         ? 'C9 H14 N3 O7 P'  307.197 
DG  'DNA linking' y "2'-DEOXYGUANOSINE-5'-MONOPHOSPHATE"                        ? 'C10 H14 N5 O7 P' 347.221 
DT  'DNA linking' y "THYMIDINE-5'-MONOPHOSPHATE"                                ? 'C10 H15 N2 O8 P' 322.208 
HOH non-polymer   . WATER                                                       ? 'H2 O'            18.015  
MG  non-polymer   . 'MAGNESIUM ION'                                             ? 'Mg 2'            24.305  
# 
_exptl.entry_id          1RQY 
_exptl.method            'X-RAY DIFFRACTION' 
_exptl.crystals_number   1 
# 
_exptl_crystal.id                    1 
_exptl_crystal.density_meas          ? 
_exptl_crystal.density_percent_sol   37.91 
_exptl_crystal.description           ? 
_exptl_crystal.density_Matthews      2.00 
# 
_exptl_crystal_grow.crystal_id      1 
_exptl_crystal_grow.method          'VAPOR DIFFUSION, SITTING DROP' 
_exptl_crystal_grow.temp            285 
_exptl_crystal_grow.temp_details    ? 
_exptl_crystal_grow.pH              6.5 
_exptl_crystal_grow.pdbx_details    
'sodium cacodylate, magnesium acetate, cobalt chloride, spermine, MPD, pH 6.5, VAPOR DIFFUSION, SITTING DROP, temperature 285K' 
_exptl_crystal_grow.pdbx_pH_range   . 
# 
loop_
_exptl_crystal_grow_comp.crystal_id 
_exptl_crystal_grow_comp.id 
_exptl_crystal_grow_comp.sol_id 
_exptl_crystal_grow_comp.name 
_exptl_crystal_grow_comp.volume 
_exptl_crystal_grow_comp.conc 
_exptl_crystal_grow_comp.details 
1 1  1 'sodium cacodylate' ? ? ? 
1 2  1 'magnesium acetate' ? ? ? 
1 3  1 'cobalt chloride'   ? ? ? 
1 4  1 spermine            ? ? ? 
1 5  1 MPD                 ? ? ? 
1 6  1 H2O                 ? ? ? 
1 7  2 'sodium cacodylate' ? ? ? 
1 8  2 'magnesium acetate' ? ? ? 
1 9  2 'cobalt chloride'   ? ? ? 
1 10 2 MPD                 ? ? ? 
1 11 2 H2O                 ? ? ? 
# 
_diffrn.id                     1 
_diffrn.ambient_temp           110 
_diffrn.ambient_temp_details   ? 
_diffrn.crystal_id             1 
# 
_diffrn_detector.diffrn_id              1 
_diffrn_detector.detector               'AREA DETECTOR' 
_diffrn_detector.type                   MARRESEARCH 
_diffrn_detector.pdbx_collection_date   1998-03-18 
_diffrn_detector.details                'focusing mirror optics' 
# 
_diffrn_radiation.diffrn_id                        1 
_diffrn_radiation.wavelength_id                    1 
_diffrn_radiation.pdbx_monochromatic_or_laue_m_l   M 
_diffrn_radiation.monochromator                    'Osmic mirrors' 
_diffrn_radiation.pdbx_diffrn_protocol             'SINGLE WAVELENGTH' 
_diffrn_radiation.pdbx_scattering_type             x-ray 
# 
_diffrn_radiation_wavelength.id           1 
_diffrn_radiation_wavelength.wavelength   1.5418 
_diffrn_radiation_wavelength.wt           1.0 
# 
_diffrn_source.diffrn_id                   1 
_diffrn_source.source                      'ROTATING ANODE' 
_diffrn_source.type                        'RIGAKU RU200' 
_diffrn_source.pdbx_synchrotron_site       ? 
_diffrn_source.pdbx_synchrotron_beamline   ? 
_diffrn_source.pdbx_wavelength             ? 
_diffrn_source.pdbx_wavelength_list        1.5418 
# 
_reflns.entry_id                     1RQY 
_reflns.observed_criterion_sigma_I   0.0 
_reflns.observed_criterion_sigma_F   0.0 
_reflns.d_resolution_low             40 
_reflns.d_resolution_high            1.55 
_reflns.number_obs                   4786 
_reflns.number_all                   4786 
_reflns.percent_possible_obs         97.6 
_reflns.pdbx_Rmerge_I_obs            ? 
_reflns.pdbx_Rsym_value              0.077 
_reflns.pdbx_netI_over_sigmaI        12.0 
_reflns.B_iso_Wilson_estimate        20.6 
_reflns.pdbx_redundancy              9.8 
_reflns.R_free_details               ? 
_reflns.pdbx_diffrn_id               1 
_reflns.pdbx_ordinal                 1 
# 
_reflns_shell.d_res_high             1.55 
_reflns_shell.d_res_low              1.61 
_reflns_shell.percent_possible_all   81.7 
_reflns_shell.Rmerge_I_obs           ? 
_reflns_shell.pdbx_Rsym_value        0.26 
_reflns_shell.meanI_over_sigI_obs    3.8 
_reflns_shell.pdbx_redundancy        3.8 
_reflns_shell.percent_possible_obs   ? 
_reflns_shell.number_unique_all      383 
_reflns_shell.pdbx_diffrn_id         ? 
_reflns_shell.pdbx_ordinal           1 
# 
_refine.entry_id                                 1RQY 
_refine.ls_number_reflns_obs                     4670 
_refine.ls_number_reflns_all                     4608 
_refine.pdbx_ls_sigma_I                          0.0 
_refine.pdbx_ls_sigma_F                          0.0 
_refine.pdbx_data_cutoff_high_absF               ? 
_refine.pdbx_data_cutoff_low_absF                ? 
_refine.pdbx_data_cutoff_high_rms_absF           ? 
_refine.ls_d_res_low                             40.00 
_refine.ls_d_res_high                            1.55 
_refine.ls_percent_reflns_obs                    95.5 
_refine.ls_R_factor_obs                          0.229 
_refine.ls_R_factor_all                          0.229 
_refine.ls_R_factor_R_work                       0.2265 
_refine.ls_R_factor_R_free                       0.2863 
_refine.ls_R_factor_R_free_error                 ? 
_refine.ls_R_factor_R_free_error_details         ? 
_refine.ls_percent_reflns_R_free                 7.9 
_refine.ls_number_reflns_R_free                  362 
_refine.ls_number_parameters                     1235 
_refine.ls_number_restraints                     2833 
_refine.occupancy_min                            ? 
_refine.occupancy_max                            ? 
_refine.correlation_coeff_Fo_to_Fc               ? 
_refine.correlation_coeff_Fo_to_Fc_free          ? 
_refine.B_iso_mean                               ? 
_refine.aniso_B[1][1]                            ? 
_refine.aniso_B[2][2]                            ? 
_refine.aniso_B[3][3]                            ? 
_refine.aniso_B[1][2]                            ? 
_refine.aniso_B[1][3]                            ? 
_refine.aniso_B[2][3]                            ? 
_refine.solvent_model_details                    ? 
_refine.solvent_model_param_ksol                 ? 
_refine.solvent_model_param_bsol                 ? 
_refine.pdbx_solvent_vdw_probe_radii             ? 
_refine.pdbx_solvent_ion_probe_radii             ? 
_refine.pdbx_solvent_shrinkage_radii             ? 
_refine.pdbx_ls_cross_valid_method               'FREE R' 
_refine.details                                  
'ANISOTROPIC SCALING APPLIED BY THE METHOD OF PARKIN, MOEZZI & HOPE, J.APPL.CRYST.28(1995)53-56' 
_refine.pdbx_starting_model                      'PDB entry 1FN1' 
_refine.pdbx_method_to_determine_struct          refinement 
_refine.pdbx_isotropic_thermal_model             ? 
_refine.pdbx_stereochemistry_target_values       'ENGH AND HUBER' 
_refine.pdbx_stereochem_target_val_spec_case     ? 
_refine.pdbx_R_Free_selection_details            RANDOM 
_refine.pdbx_overall_ESU_R                       ? 
_refine.pdbx_overall_ESU_R_Free                  ? 
_refine.overall_SU_ML                            ? 
_refine.overall_SU_B                             ? 
_refine.ls_redundancy_reflns_obs                 ? 
_refine.overall_SU_R_Cruickshank_DPI             ? 
_refine.overall_SU_R_free                        ? 
_refine.pdbx_refine_id                           'X-RAY DIFFRACTION' 
_refine.pdbx_diffrn_id                           1 
_refine.pdbx_TLS_residual_ADP_flag               ? 
_refine.pdbx_overall_phase_error                 ? 
_refine.pdbx_overall_SU_R_free_Cruickshank_DPI   ? 
_refine.pdbx_overall_SU_R_Blow_DPI               ? 
_refine.pdbx_overall_SU_R_free_Blow_DPI          ? 
# 
_refine_analyze.entry_id                        1RQY 
_refine_analyze.Luzzati_coordinate_error_obs    ? 
_refine_analyze.Luzzati_sigma_a_obs             ? 
_refine_analyze.Luzzati_d_res_low_obs           ? 
_refine_analyze.Luzzati_coordinate_error_free   ? 
_refine_analyze.Luzzati_sigma_a_free            ? 
_refine_analyze.Luzzati_d_res_low_free          ? 
_refine_analyze.number_disordered_residues      3 
_refine_analyze.occupancy_sum_hydrogen          0.00 
_refine_analyze.occupancy_sum_non_hydrogen      269.25 
_refine_analyze.pdbx_refine_id                  'X-RAY DIFFRACTION' 
# 
_refine_hist.pdbx_refine_id                   'X-RAY DIFFRACTION' 
_refine_hist.cycle_id                         LAST 
_refine_hist.pdbx_number_atoms_protein        0 
_refine_hist.pdbx_number_atoms_nucleic_acid   224 
_refine_hist.pdbx_number_atoms_ligand         49 
_refine_hist.number_atoms_solvent             30 
_refine_hist.number_atoms_total               303 
_refine_hist.d_res_high                       1.55 
_refine_hist.d_res_low                        40.00 
# 
loop_
_refine_ls_restr.type 
_refine_ls_restr.dev_ideal 
_refine_ls_restr.dev_ideal_target 
_refine_ls_restr.weight 
_refine_ls_restr.number 
_refine_ls_restr.pdbx_refine_id 
_refine_ls_restr.pdbx_restraint_function 
s_bond_d               0.007  ? ? ? 'X-RAY DIFFRACTION' ? 
s_angle_d              0.017  ? ? ? 'X-RAY DIFFRACTION' ? 
s_similar_dist         0.030  ? ? ? 'X-RAY DIFFRACTION' ? 
s_from_restr_planes    0.0094 ? ? ? 'X-RAY DIFFRACTION' ? 
s_zero_chiral_vol      0.000  ? ? ? 'X-RAY DIFFRACTION' ? 
s_non_zero_chiral_vol  0.008  ? ? ? 'X-RAY DIFFRACTION' ? 
s_anti_bump_dis_restr  0.009  ? ? ? 'X-RAY DIFFRACTION' ? 
s_rigid_bond_adp_cmpnt 0.000  ? ? ? 'X-RAY DIFFRACTION' ? 
s_similar_adp_cmpnt    0.088  ? ? ? 'X-RAY DIFFRACTION' ? 
s_approx_iso_adps      0.000  ? ? ? 'X-RAY DIFFRACTION' ? 
# 
_refine_ls_shell.pdbx_total_number_of_bins_used   ? 
_refine_ls_shell.d_res_high                       1.55 
_refine_ls_shell.d_res_low                        1.6 
_refine_ls_shell.number_reflns_R_work             ? 
_refine_ls_shell.R_factor_R_work                  0.337 
_refine_ls_shell.percent_reflns_obs               82 
_refine_ls_shell.R_factor_R_free                  ? 
_refine_ls_shell.R_factor_R_free_error            ? 
_refine_ls_shell.percent_reflns_R_free            ? 
_refine_ls_shell.number_reflns_R_free             ? 
_refine_ls_shell.redundancy_reflns_obs            ? 
_refine_ls_shell.pdbx_refine_id                   'X-RAY DIFFRACTION' 
_refine_ls_shell.number_reflns_all                ? 
_refine_ls_shell.R_factor_all                     ? 
# 
_pdbx_refine.entry_id                                    1RQY 
_pdbx_refine.R_factor_all_no_cutoff                      0.229 
_pdbx_refine.R_factor_obs_no_cutoff                      0.2265 
_pdbx_refine.free_R_factor_no_cutoff                     0.2863 
_pdbx_refine.free_R_val_test_set_size_perc_no_cutoff     7.9 
_pdbx_refine.free_R_val_test_set_ct_no_cutoff            362 
_pdbx_refine.R_factor_all_4sig_cutoff                    0.2218 
_pdbx_refine.R_factor_obs_4sig_cutoff                    0.2193 
_pdbx_refine.free_R_factor_4sig_cutoff                   0.2763 
_pdbx_refine.free_R_val_test_set_size_perc_4sig_cutoff   7.8 
_pdbx_refine.free_R_val_test_set_ct_4sig_cutoff          324 
_pdbx_refine.number_reflns_obs_4sig_cutoff               4147 
_pdbx_refine.number_reflns_obs_no_cutoff                 ? 
_pdbx_refine.pdbx_refine_id                              'X-RAY DIFFRACTION' 
_pdbx_refine.free_R_error_no_cutoff                      ? 
# 
_struct.entry_id                  1RQY 
_struct.title                     '9-amino-[N-(2-dimethylamino)proply]-acridine-4-carboxamide bound to d(CGTACG)2' 
_struct.pdbx_model_details        ? 
_struct.pdbx_CASP_flag            ? 
_struct.pdbx_model_type_details   ? 
# 
_struct_keywords.entry_id        1RQY 
_struct_keywords.pdbx_keywords   DNA 
_struct_keywords.text            'B-DNA, cytosine exchange, quadruplex, acridine, unusual intercalation, DNA' 
# 
loop_
_struct_asym.id 
_struct_asym.pdbx_blank_PDB_chainid_flag 
_struct_asym.pdbx_modified 
_struct_asym.entity_id 
_struct_asym.details 
A N N 1 ? 
B N N 1 ? 
C N N 2 ? 
D N N 3 ? 
E N N 3 ? 
F N N 2 ? 
G N N 4 ? 
H N N 4 ? 
I N N 3 ? 
J N N 5 ? 
K N N 5 ? 
# 
_struct_biol.id                    1 
_struct_biol.pdbx_parent_biol_id   ? 
_struct_biol.details               ? 
# 
loop_
_struct_conn.id 
_struct_conn.conn_type_id 
_struct_conn.pdbx_leaving_atom_flag 
_struct_conn.pdbx_PDB_id 
_struct_conn.ptnr1_label_asym_id 
_struct_conn.ptnr1_label_comp_id 
_struct_conn.ptnr1_label_seq_id 
_struct_conn.ptnr1_label_atom_id 
_struct_conn.pdbx_ptnr1_label_alt_id 
_struct_conn.pdbx_ptnr1_PDB_ins_code 
_struct_conn.pdbx_ptnr1_standard_comp_id 
_struct_conn.ptnr1_symmetry 
_struct_conn.ptnr2_label_asym_id 
_struct_conn.ptnr2_label_comp_id 
_struct_conn.ptnr2_label_seq_id 
_struct_conn.ptnr2_label_atom_id 
_struct_conn.pdbx_ptnr2_label_alt_id 
_struct_conn.pdbx_ptnr2_PDB_ins_code 
_struct_conn.ptnr1_auth_asym_id 
_struct_conn.ptnr1_auth_comp_id 
_struct_conn.ptnr1_auth_seq_id 
_struct_conn.ptnr2_auth_asym_id 
_struct_conn.ptnr2_auth_comp_id 
_struct_conn.ptnr2_auth_seq_id 
_struct_conn.ptnr2_symmetry 
_struct_conn.pdbx_ptnr3_label_atom_id 
_struct_conn.pdbx_ptnr3_label_seq_id 
_struct_conn.pdbx_ptnr3_label_comp_id 
_struct_conn.pdbx_ptnr3_label_asym_id 
_struct_conn.pdbx_ptnr3_label_alt_id 
_struct_conn.pdbx_ptnr3_PDB_ins_code 
_struct_conn.details 
_struct_conn.pdbx_dist_value 
_struct_conn.pdbx_value_order 
_struct_conn.pdbx_role 
metalc1  metalc ? ? A DG 2 N7  ? ? ? 1_555 C CO  . CO ? ? A DG 1   A CO  902  1_555 ? ? ? ? ? ? ?            2.185 ? ? 
metalc2  metalc ? ? C CO . CO  ? ? ? 1_555 J HOH . O  ? ? A CO 902 A HOH 909  1_555 ? ? ? ? ? ? ?            2.220 ? ? 
metalc3  metalc ? ? C CO . CO  ? ? ? 1_555 J HOH . O  ? ? A CO 902 A HOH 920  1_555 ? ? ? ? ? ? ?            2.129 ? ? 
metalc4  metalc ? ? C CO . CO  ? ? ? 1_555 J HOH . O  ? ? A CO 902 A HOH 921  1_555 ? ? ? ? ? ? ?            2.155 ? ? 
metalc5  metalc ? ? C CO . CO  ? ? ? 1_555 J HOH . O  ? ? A CO 902 A HOH 922  1_555 ? ? ? ? ? ? ?            2.136 ? ? 
metalc6  metalc ? ? C CO . CO  ? ? ? 1_555 J HOH . O  ? ? A CO 902 A HOH 923  1_555 ? ? ? ? ? ? ?            2.097 ? ? 
metalc7  metalc ? ? B DG 2 OP2 ? ? ? 1_555 G MG  . MG ? ? B DG 2   B MG  903  1_555 ? ? ? ? ? ? ?            1.737 ? ? 
metalc8  metalc ? ? B DG 2 OP2 ? ? ? 2_665 G MG  . MG ? ? B DG 2   B MG  903  1_555 ? ? ? ? ? ? ?            2.711 ? ? 
metalc9  metalc ? ? B DG 2 OP2 ? ? ? 4_565 G MG  . MG ? ? B DG 2   B MG  903  1_555 ? ? ? ? ? ? ?            1.737 ? ? 
metalc10 metalc ? ? B DG 2 OP2 ? ? ? 3_655 G MG  . MG ? ? B DG 2   B MG  903  1_555 ? ? ? ? ? ? ?            2.711 ? ? 
metalc11 metalc ? ? B DG 6 N7  ? ? ? 1_555 F CO  . CO ? ? B DG 6   B CO  901  1_555 ? ? ? ? ? ? ?            2.123 ? ? 
metalc12 metalc ? ? B DG 6 N7  ? ? ? 3_756 F CO  . CO ? ? B DG 6   B CO  901  1_555 ? ? ? ? ? ? ?            2.122 ? ? 
metalc13 metalc ? ? B DG 6 OP1 ? ? ? 1_555 H MG  . MG ? ? B DG 6   B MG  904  1_555 ? ? ? ? ? ? ?            2.389 ? ? 
metalc14 metalc ? ? B DG 6 OP1 ? ? ? 6_655 H MG  . MG ? ? B DG 6   B MG  904  1_555 ? ? ? ? ? ? ?            2.281 ? ? 
metalc15 metalc ? ? F CO . CO  ? ? ? 1_555 K HOH . O  ? ? B CO 901 B HOH 911  1_555 ? ? ? ? ? ? ?            2.269 ? ? 
metalc16 metalc ? ? F CO . CO  ? ? ? 1_555 K HOH . O  ? ? B CO 901 B HOH 911  3_756 ? ? ? ? ? ? ?            2.269 ? ? 
metalc17 metalc ? ? F CO . CO  ? ? ? 1_555 K HOH . O  ? ? B CO 901 B HOH 915  1_555 ? ? ? ? ? ? ?            1.928 ? ? 
metalc18 metalc ? ? F CO . CO  ? ? ? 1_555 K HOH . O  ? ? B CO 901 B HOH 915  3_756 ? ? ? ? ? ? ?            1.927 ? ? 
metalc19 metalc ? ? G MG . MG  ? ? ? 1_555 K HOH . O  ? ? B MG 903 B HOH 926  1_555 ? ? ? ? ? ? ?            2.217 ? ? 
metalc20 metalc ? ? G MG . MG  ? ? ? 1_555 K HOH . O  ? ? B MG 903 B HOH 926  3_655 ? ? ? ? ? ? ?            2.217 ? ? 
metalc21 metalc ? ? G MG . MG  ? ? ? 1_555 K HOH . O  ? ? B MG 903 B HOH 926  4_565 ? ? ? ? ? ? ?            2.217 ? ? 
metalc22 metalc ? ? G MG . MG  ? ? ? 1_555 K HOH . O  ? ? B MG 903 B HOH 926  2_665 ? ? ? ? ? ? ?            2.217 ? ? 
metalc23 metalc ? ? H MG . MG  ? ? ? 1_555 K HOH . O  ? ? B MG 904 B HOH 4036 3_756 ? ? ? ? ? ? ?            3.148 ? ? 
hydrog1  hydrog ? ? A DG 2 N1  ? ? ? 1_555 B DC  5 N3 ? ? A DG 1   B DC  5    1_555 ? ? ? ? ? ? WATSON-CRICK ?     ? ? 
hydrog2  hydrog ? ? A DG 2 N2  ? ? ? 1_555 B DC  5 O2 ? ? A DG 1   B DC  5    1_555 ? ? ? ? ? ? WATSON-CRICK ?     ? ? 
hydrog3  hydrog ? ? A DG 2 O6  ? ? ? 1_555 B DC  5 N4 ? ? A DG 1   B DC  5    1_555 ? ? ? ? ? ? WATSON-CRICK ?     ? ? 
hydrog4  hydrog ? ? A DT 3 N3  ? ? ? 1_555 B DA  4 N1 ? ? A DT 2   B DA  4    1_555 ? ? ? ? ? ? WATSON-CRICK ?     ? ? 
hydrog5  hydrog ? ? A DT 3 O4  ? ? ? 1_555 B DA  4 N6 ? ? A DT 2   B DA  4    1_555 ? ? ? ? ? ? WATSON-CRICK ?     ? ? 
hydrog6  hydrog ? ? A DA 4 N1  ? ? ? 1_555 B DT  3 N3 ? ? A DA 3   B DT  3    1_555 ? ? ? ? ? ? WATSON-CRICK ?     ? ? 
hydrog7  hydrog ? ? A DA 4 N6  ? ? ? 1_555 B DT  3 O4 ? ? A DA 3   B DT  3    1_555 ? ? ? ? ? ? WATSON-CRICK ?     ? ? 
hydrog8  hydrog ? ? A DC 5 N3  ? ? ? 1_555 B DG  2 N1 ? ? A DC 4   B DG  2    1_555 ? ? ? ? ? ? WATSON-CRICK ?     ? ? 
hydrog9  hydrog ? ? A DC 5 N4  ? ? ? 1_555 B DG  2 O6 ? ? A DC 4   B DG  2    1_555 ? ? ? ? ? ? WATSON-CRICK ?     ? ? 
hydrog10 hydrog ? ? A DC 5 O2  ? ? ? 1_555 B DG  2 N2 ? ? A DC 4   B DG  2    1_555 ? ? ? ? ? ? WATSON-CRICK ?     ? ? 
# 
loop_
_struct_conn_type.id 
_struct_conn_type.criteria 
_struct_conn_type.reference 
metalc ? ? 
hydrog ? ? 
# 
loop_
_struct_site.id 
_struct_site.pdbx_evidence_code 
_struct_site.pdbx_auth_asym_id 
_struct_site.pdbx_auth_comp_id 
_struct_site.pdbx_auth_seq_id 
_struct_site.pdbx_auth_ins_code 
_struct_site.pdbx_num_residues 
_struct_site.details 
AC1 Software B CO  901 ? 3 'BINDING SITE FOR RESIDUE CO B 901'  
AC2 Software A CO  902 ? 6 'BINDING SITE FOR RESIDUE CO A 902'  
AC3 Software B MG  903 ? 2 'BINDING SITE FOR RESIDUE MG B 903'  
AC4 Software B MG  904 ? 2 'BINDING SITE FOR RESIDUE MG B 904'  
AC5 Software A 7AD 101 ? 4 'BINDING SITE FOR RESIDUE 7AD A 101' 
AC6 Software B 7AD 401 ? 5 'BINDING SITE FOR RESIDUE 7AD B 401' 
AC7 Software A 7AD 601 ? 4 'BINDING SITE FOR RESIDUE 7AD A 601' 
1   ?        ? ?   ?   ? ? ?                                    
# 
loop_
_struct_site_gen.id 
_struct_site_gen.site_id 
_struct_site_gen.pdbx_num_res 
_struct_site_gen.label_comp_id 
_struct_site_gen.label_asym_id 
_struct_site_gen.label_seq_id 
_struct_site_gen.pdbx_auth_ins_code 
_struct_site_gen.auth_comp_id 
_struct_site_gen.auth_asym_id 
_struct_site_gen.auth_seq_id 
_struct_site_gen.label_atom_id 
_struct_site_gen.label_alt_id 
_struct_site_gen.symmetry 
_struct_site_gen.details 
1  AC1 3 DG  B 6 ? DG  B 6   . ? 1_555 ? 
2  AC1 3 HOH K . ? HOH B 911 . ? 1_555 ? 
3  AC1 3 HOH K . ? HOH B 915 . ? 3_756 ? 
4  AC2 6 DG  A 2 ? DG  A 1   . ? 1_555 ? 
5  AC2 6 HOH J . ? HOH A 909 . ? 1_555 ? 
6  AC2 6 HOH J . ? HOH A 920 . ? 1_555 ? 
7  AC2 6 HOH J . ? HOH A 921 . ? 1_555 ? 
8  AC2 6 HOH J . ? HOH A 922 . ? 1_555 ? 
9  AC2 6 HOH J . ? HOH A 923 . ? 1_555 ? 
10 AC3 2 DG  B 2 ? DG  B 2   . ? 3_655 ? 
11 AC3 2 HOH K . ? HOH B 926 . ? 1_555 ? 
12 AC4 2 DC  B 5 ? DC  B 5   . ? 6_655 ? 
13 AC4 2 DG  B 6 ? DG  B 6   . ? 1_555 ? 
14 AC5 4 DC  A 5 ? DC  A 4   . ? 1_555 ? 
15 AC5 4 DG  A 6 ? DG  A 5   . ? 1_555 ? 
16 AC5 4 DC  B 1 ? DC  B 1   . ? 3_655 ? 
17 AC5 4 DG  B 2 ? DG  B 2   . ? 1_555 ? 
18 AC6 5 DC  A 5 ? DC  A 4   . ? 1_555 ? 
19 AC6 5 DG  A 6 ? DG  A 5   . ? 1_555 ? 
20 AC6 5 DC  B 1 ? DC  B 1   . ? 4_565 ? 
21 AC6 5 DG  B 2 ? DG  B 2   . ? 2_665 ? 
22 AC6 5 HOH K . ? HOH B 926 . ? 2_665 ? 
23 AC7 4 DC  A 5 ? DC  A 4   . ? 1_555 ? 
24 AC7 4 DG  A 6 ? DG  A 5   . ? 1_555 ? 
25 AC7 4 DC  B 1 ? DC  B 1   . ? 3_655 ? 
26 AC7 4 DG  B 2 ? DG  B 2   . ? 1_555 ? 
# 
_atom_sites.entry_id                    1RQY 
_atom_sites.Cartn_transform_axes        ? 
_atom_sites.fract_transf_matrix[1][1]   -0.01166937 
_atom_sites.fract_transf_matrix[1][2]   0.03179341 
_atom_sites.fract_transf_matrix[1][3]   -0.00795484 
_atom_sites.fract_transf_matrix[2][1]   0.01124797 
_atom_sites.fract_transf_matrix[2][2]   0.00024027 
_atom_sites.fract_transf_matrix[2][3]   -0.01553994 
_atom_sites.fract_transf_matrix[3][1]   -0.01809785 
_atom_sites.fract_transf_matrix[3][2]   -0.00995864 
_atom_sites.fract_transf_matrix[3][3]   -0.01325339 
_atom_sites.fract_transf_vector[1]      0.592378 
_atom_sites.fract_transf_vector[2]      0.361591 
_atom_sites.fract_transf_vector[3]      0.254613 
# 
loop_
_atom_type.symbol 
C  
CO 
MG 
N  
O  
P  
# 
loop_
_atom_site.group_PDB 
_atom_site.id 
_atom_site.type_symbol 
_atom_site.label_atom_id 
_atom_site.label_alt_id 
_atom_site.label_comp_id 
_atom_site.label_asym_id 
_atom_site.label_entity_id 
_atom_site.label_seq_id 
_atom_site.pdbx_PDB_ins_code 
_atom_site.Cartn_x 
_atom_site.Cartn_y 
_atom_site.Cartn_z 
_atom_site.occupancy 
_atom_site.B_iso_or_equiv 
_atom_site.pdbx_formal_charge 
_atom_site.auth_seq_id 
_atom_site.auth_comp_id 
_atom_site.auth_asym_id 
_atom_site.auth_atom_id 
_atom_site.pdbx_PDB_model_num 
ATOM   1   P  P     . DG  A 1 2 ? -1.969  0.166  11.783  1.00 31.38 ? 1    DG  A P     1 
ATOM   2   O  OP1   . DG  A 1 2 ? -2.582  1.494  11.688  1.00 26.19 ? 1    DG  A OP1   1 
ATOM   3   O  OP2   . DG  A 1 2 ? -0.681  -0.188 11.193  1.00 34.61 ? 1    DG  A OP2   1 
ATOM   4   O  "O5'" . DG  A 1 2 ? -3.007  -0.793 11.024  1.00 31.77 ? 1    DG  A "O5'" 1 
ATOM   5   C  "C5'" . DG  A 1 2 ? -4.410  -0.930 11.331  1.00 23.93 ? 1    DG  A "C5'" 1 
ATOM   6   C  "C4'" . DG  A 1 2 ? -5.021  -1.841 10.281  1.00 22.44 ? 1    DG  A "C4'" 1 
ATOM   7   O  "O4'" . DG  A 1 2 ? -5.215  -1.045 9.057   1.00 20.04 ? 1    DG  A "O4'" 1 
ATOM   8   C  "C3'" . DG  A 1 2 ? -4.248  -3.052 9.807   1.00 17.36 ? 1    DG  A "C3'" 1 
ATOM   9   O  "O3'" . DG  A 1 2 ? -5.232  -4.032 9.499   1.00 23.24 ? 1    DG  A "O3'" 1 
ATOM   10  C  "C2'" . DG  A 1 2 ? -3.389  -2.552 8.639   1.00 16.53 ? 1    DG  A "C2'" 1 
ATOM   11  C  "C1'" . DG  A 1 2 ? -4.381  -1.586 8.006   1.00 13.67 ? 1    DG  A "C1'" 1 
ATOM   12  N  N9    . DG  A 1 2 ? -3.824  -0.403 7.403   1.00 13.46 ? 1    DG  A N9    1 
ATOM   13  C  C8    . DG  A 1 2 ? -2.887  0.440  7.993   1.00 15.18 ? 1    DG  A C8    1 
ATOM   14  N  N7    . DG  A 1 2 ? -2.570  1.418  7.229   1.00 14.99 ? 1    DG  A N7    1 
ATOM   15  C  C5    . DG  A 1 2 ? -3.312  1.246  6.070   1.00 14.40 ? 1    DG  A C5    1 
ATOM   16  C  C6    . DG  A 1 2 ? -3.370  2.020  4.882   1.00 15.02 ? 1    DG  A C6    1 
ATOM   17  O  O6    . DG  A 1 2 ? -2.711  3.058  4.673   1.00 12.86 ? 1    DG  A O6    1 
ATOM   18  N  N1    . DG  A 1 2 ? -4.259  1.500  3.931   1.00 10.42 ? 1    DG  A N1    1 
ATOM   19  C  C2    . DG  A 1 2 ? -4.991  0.361  4.139   1.00 10.83 ? 1    DG  A C2    1 
ATOM   20  N  N2    . DG  A 1 2 ? -5.826  -0.072 3.170   1.00 7.99  ? 1    DG  A N2    1 
ATOM   21  N  N3    . DG  A 1 2 ? -4.944  -0.368 5.243   1.00 12.48 ? 1    DG  A N3    1 
ATOM   22  C  C4    . DG  A 1 2 ? -4.098  0.114  6.167   1.00 10.13 ? 1    DG  A C4    1 
ATOM   23  P  P     . DT  A 1 3 ? -4.798  -5.573 9.302   1.00 24.41 ? 2    DT  A P     1 
ATOM   24  O  OP1   . DT  A 1 3 ? -5.949  -6.355 9.614   1.00 22.16 ? 2    DT  A OP1   1 
ATOM   25  O  OP2   . DT  A 1 3 ? -3.437  -5.708 9.799   1.00 25.91 ? 2    DT  A OP2   1 
ATOM   26  O  "O5'" . DT  A 1 3 ? -4.647  -5.596 7.701   1.00 19.89 ? 2    DT  A "O5'" 1 
ATOM   27  C  "C5'" . DT  A 1 3 ? -5.791  -5.200 6.888   1.00 18.49 ? 2    DT  A "C5'" 1 
ATOM   28  C  "C4'" . DT  A 1 3 ? -5.271  -5.159 5.465   1.00 16.18 ? 2    DT  A "C4'" 1 
ATOM   29  O  "O4'" . DT  A 1 3 ? -4.521  -3.909 5.285   1.00 14.91 ? 2    DT  A "O4'" 1 
ATOM   30  C  "C3'" . DT  A 1 3 ? -4.306  -6.247 5.032   1.00 13.33 ? 2    DT  A "C3'" 1 
ATOM   31  O  "O3'" . DT  A 1 3 ? -5.039  -7.110 4.153   1.00 17.54 ? 2    DT  A "O3'" 1 
ATOM   32  C  "C2'" . DT  A 1 3 ? -3.073  -5.557 4.414   1.00 14.98 ? 2    DT  A "C2'" 1 
ATOM   33  C  "C1'" . DT  A 1 3 ? -3.602  -4.148 4.178   1.00 15.02 ? 2    DT  A "C1'" 1 
ATOM   34  N  N1    . DT  A 1 3 ? -2.735  -2.965 4.257   1.00 11.12 ? 2    DT  A N1    1 
ATOM   35  C  C2    . DT  A 1 3 ? -2.779  -2.103 3.195   1.00 15.10 ? 2    DT  A C2    1 
ATOM   36  O  O2    . DT  A 1 3 ? -3.503  -2.311 2.224   1.00 14.21 ? 2    DT  A O2    1 
ATOM   37  N  N3    . DT  A 1 3 ? -1.954  -1.005 3.293   1.00 13.00 ? 2    DT  A N3    1 
ATOM   38  C  C4    . DT  A 1 3 ? -1.121  -0.734 4.379   1.00 12.50 ? 2    DT  A C4    1 
ATOM   39  O  O4    . DT  A 1 3 ? -0.446  0.290  4.322   1.00 15.58 ? 2    DT  A O4    1 
ATOM   40  C  C5    . DT  A 1 3 ? -1.132  -1.688 5.457   1.00 14.83 ? 2    DT  A C5    1 
ATOM   41  C  C7    . DT  A 1 3 ? -0.272  -1.496 6.672   1.00 26.58 ? 2    DT  A C7    1 
ATOM   42  C  C6    . DT  A 1 3 ? -1.934  -2.752 5.346   1.00 12.56 ? 2    DT  A C6    1 
ATOM   43  P  P     . DA  A 1 4 ? -4.558  -8.253 3.157   1.00 19.24 ? 3    DA  A P     1 
ATOM   44  O  OP1   . DA  A 1 4 ? -5.696  -9.080 2.804   1.00 22.47 ? 3    DA  A OP1   1 
ATOM   45  O  OP2   . DA  A 1 4 ? -3.244  -8.743 3.609   1.00 19.88 ? 3    DA  A OP2   1 
ATOM   46  O  "O5'" . DA  A 1 4 ? -4.174  -7.413 1.856   1.00 20.00 ? 3    DA  A "O5'" 1 
ATOM   47  C  "C5'" . DA  A 1 4 ? -5.263  -6.759 1.135   1.00 23.30 ? 3    DA  A "C5'" 1 
ATOM   48  C  "C4'" . DA  A 1 4 ? -4.649  -6.358 -0.198  1.00 20.21 ? 3    DA  A "C4'" 1 
ATOM   49  O  "O4'" . DA  A 1 4 ? -3.883  -5.140 0.096   1.00 19.66 ? 3    DA  A "O4'" 1 
ATOM   50  C  "C3'" . DA  A 1 4 ? -3.700  -7.311 -0.880  1.00 14.22 ? 3    DA  A "C3'" 1 
ATOM   51  O  "O3'" . DA  A 1 4 ? -4.076  -7.401 -2.243  1.00 18.71 ? 3    DA  A "O3'" 1 
ATOM   52  C  "C2'" . DA  A 1 4 ? -2.277  -6.739 -0.643  1.00 11.86 ? 3    DA  A "C2'" 1 
ATOM   53  C  "C1'" . DA  A 1 4 ? -2.576  -5.240 -0.534  1.00 19.52 ? 3    DA  A "C1'" 1 
ATOM   54  N  N9    . DA  A 1 4 ? -1.686  -4.437 0.282   1.00 14.11 ? 3    DA  A N9    1 
ATOM   55  C  C8    . DA  A 1 4 ? -1.225  -4.690 1.543   1.00 17.19 ? 3    DA  A C8    1 
ATOM   56  N  N7    . DA  A 1 4 ? -0.422  -3.766 2.032   1.00 16.12 ? 3    DA  A N7    1 
ATOM   57  C  C5    . DA  A 1 4 ? -0.355  -2.839 1.009   1.00 14.60 ? 3    DA  A C5    1 
ATOM   58  C  C6    . DA  A 1 4 ? 0.348   -1.616 0.906   1.00 9.48  ? 3    DA  A C6    1 
ATOM   59  N  N6    . DA  A 1 4 ? 1.105   -1.198 1.941   1.00 17.97 ? 3    DA  A N6    1 
ATOM   60  N  N1    . DA  A 1 4 ? 0.238   -0.891 -0.222  1.00 13.19 ? 3    DA  A N1    1 
ATOM   61  C  C2    . DA  A 1 4 ? -0.544  -1.387 -1.202  1.00 17.20 ? 3    DA  A C2    1 
ATOM   62  N  N3    . DA  A 1 4 ? -1.246  -2.523 -1.215  1.00 14.77 ? 3    DA  A N3    1 
ATOM   63  C  C4    . DA  A 1 4 ? -1.123  -3.224 -0.082  1.00 9.81  ? 3    DA  A C4    1 
ATOM   64  P  P     . DC  A 1 5 ? -3.340  -8.493 -3.203  1.00 35.01 ? 4    DC  A P     1 
ATOM   65  O  OP1   . DC  A 1 5 ? -4.253  -8.724 -4.303  1.00 32.50 ? 4    DC  A OP1   1 
ATOM   66  O  OP2   . DC  A 1 5 ? -2.677  -9.435 -2.343  1.00 28.48 ? 4    DC  A OP2   1 
ATOM   67  O  "O5'" . DC  A 1 5 ? -2.182  -7.566 -3.794  1.00 19.14 ? 4    DC  A "O5'" 1 
ATOM   68  C  "C5'" . DC  A 1 5 ? -2.568  -6.351 -4.521  1.00 20.16 ? 4    DC  A "C5'" 1 
ATOM   69  C  "C4'" . DC  A 1 5 ? -1.199  -5.766 -4.837  1.00 18.12 ? 4    DC  A "C4'" 1 
ATOM   70  O  "O4'" . DC  A 1 5 ? -0.711  -5.194 -3.570  1.00 22.39 ? 4    DC  A "O4'" 1 
ATOM   71  C  "C3'" . DC  A 1 5 ? -0.130  -6.702 -5.347  1.00 19.17 ? 4    DC  A "C3'" 1 
ATOM   72  O  "O3'" . DC  A 1 5 ? 0.255   -6.283 -6.662  1.00 40.91 ? 4    DC  A "O3'" 1 
ATOM   73  C  "C2'" . DC  A 1 5 ? 0.986   -6.647 -4.293  1.00 25.31 ? 4    DC  A "C2'" 1 
ATOM   74  C  "C1'" . DC  A 1 5 ? 0.726   -5.264 -3.656  1.00 30.03 ? 4    DC  A "C1'" 1 
ATOM   75  N  N1    . DC  A 1 5 ? 1.293   -5.011 -2.328  1.00 14.80 ? 4    DC  A N1    1 
ATOM   76  C  C2    . DC  A 1 5 ? 1.909   -3.767 -2.152  1.00 13.59 ? 4    DC  A C2    1 
ATOM   77  O  O2    . DC  A 1 5 ? 1.948   -2.953 -3.080  1.00 18.83 ? 4    DC  A O2    1 
ATOM   78  N  N3    . DC  A 1 5 ? 2.458   -3.474 -0.935  1.00 23.08 ? 4    DC  A N3    1 
ATOM   79  C  C4    . DC  A 1 5 ? 2.407   -4.364 0.057   1.00 18.05 ? 4    DC  A C4    1 
ATOM   80  N  N4    . DC  A 1 5 ? 2.953   -4.041 1.225   1.00 17.75 ? 4    DC  A N4    1 
ATOM   81  C  C5    . DC  A 1 5 ? 1.779   -5.640 -0.111  1.00 17.38 ? 4    DC  A C5    1 
ATOM   82  C  C6    . DC  A 1 5 ? 1.246   -5.908 -1.319  1.00 14.04 ? 4    DC  A C6    1 
ATOM   83  P  P     . DG  A 1 6 ? 1.038   -7.354 -7.591  1.00 36.78 ? 5    DG  A P     1 
ATOM   84  O  OP1   . DG  A 1 6 ? 0.549   -7.162 -8.941  1.00 81.82 ? 5    DG  A OP1   1 
ATOM   85  O  OP2   . DG  A 1 6 ? 1.189   -8.567 -6.839  1.00 25.93 ? 5    DG  A OP2   1 
ATOM   86  O  "O5'" . DG  A 1 6 ? 2.494   -6.691 -7.585  1.00 37.67 ? 5    DG  A "O5'" 1 
ATOM   87  C  "C5'" . DG  A 1 6 ? 2.872   -5.412 -8.187  1.00 21.57 ? 5    DG  A "C5'" 1 
ATOM   88  C  "C4'" . DG  A 1 6 ? 4.271   -5.697 -8.707  1.00 25.20 ? 5    DG  A "C4'" 1 
ATOM   89  O  "O4'" . DG  A 1 6 ? 5.196   -5.656 -7.557  1.00 25.11 ? 5    DG  A "O4'" 1 
ATOM   90  C  "C3'" . DG  A 1 6 ? 4.565   -7.033 -9.350  1.00 17.26 ? 5    DG  A "C3'" 1 
ATOM   91  O  "O3'" . DG  A 1 6 ? 4.082   -7.027 -10.681 1.00 22.29 ? 5    DG  A "O3'" 1 
ATOM   92  C  "C2'" . DG  A 1 6 ? 6.094   -7.155 -9.188  1.00 14.26 ? 5    DG  A "C2'" 1 
ATOM   93  C  "C1'" . DG  A 1 6 ? 6.297   -6.556 -7.794  1.00 16.82 ? 5    DG  A "C1'" 1 
ATOM   94  N  N9    . DG  A 1 6 ? 6.309   -7.532 -6.713  1.00 20.02 ? 5    DG  A N9    1 
ATOM   95  C  C8    . DG  A 1 6 ? 5.828   -8.809 -6.673  1.00 28.16 ? 5    DG  A C8    1 
ATOM   96  N  N7    . DG  A 1 6 ? 6.018   -9.397 -5.518  1.00 36.76 ? 5    DG  A N7    1 
ATOM   97  C  C5    . DG  A 1 6 ? 6.671   -8.455 -4.735  1.00 21.65 ? 5    DG  A C5    1 
ATOM   98  C  C6    . DG  A 1 6 ? 7.142   -8.497 -3.394  1.00 36.72 ? 5    DG  A C6    1 
ATOM   99  O  O6    . DG  A 1 6 ? 7.099   -9.398 -2.550  1.00 31.28 ? 5    DG  A O6    1 
ATOM   100 N  N1    . DG  A 1 6 ? 7.748   -7.300 -3.011  1.00 22.05 ? 5    DG  A N1    1 
ATOM   101 C  C2    . DG  A 1 6 ? 7.878   -6.203 -3.829  1.00 25.44 ? 5    DG  A C2    1 
ATOM   102 N  N2    . DG  A 1 6 ? 8.486   -5.129 -3.307  1.00 24.05 ? 5    DG  A N2    1 
ATOM   103 N  N3    . DG  A 1 6 ? 7.441   -6.154 -5.081  1.00 22.71 ? 5    DG  A N3    1 
ATOM   104 C  C4    . DG  A 1 6 ? 6.858   -7.299 -5.459  1.00 18.03 ? 5    DG  A C4    1 
ATOM   105 O  "O5'" . DC  B 1 1 ? 8.804   9.677  1.693   1.00 51.61 ? 1    DC  B "O5'" 1 
ATOM   106 C  "C5'" . DC  B 1 1 ? 9.111   8.655  0.701   1.00 37.70 ? 1    DC  B "C5'" 1 
ATOM   107 C  "C4'" . DC  B 1 1 ? 10.429  8.045  1.159   1.00 43.02 ? 1    DC  B "C4'" 1 
ATOM   108 O  "O4'" . DC  B 1 1 ? 11.251  9.125  1.723   1.00 39.10 ? 1    DC  B "O4'" 1 
ATOM   109 C  "C3'" . DC  B 1 1 ? 10.373  6.976  2.221   1.00 25.95 ? 1    DC  B "C3'" 1 
ATOM   110 O  "O3'" . DC  B 1 1 ? 11.032  5.830  1.703   1.00 39.90 ? 1    DC  B "O3'" 1 
ATOM   111 C  "C2'" . DC  B 1 1 ? 11.019  7.595  3.487   1.00 32.46 ? 1    DC  B "C2'" 1 
ATOM   112 C  "C1'" . DC  B 1 1 ? 12.022  8.540  2.827   1.00 43.27 ? 1    DC  B "C1'" 1 
ATOM   113 N  N1    . DC  B 1 1 ? 12.569  9.723  3.494   1.00 34.94 ? 1    DC  B N1    1 
ATOM   114 C  C2    . DC  B 1 1 ? 13.964  9.788  3.578   1.00 24.10 ? 1    DC  B C2    1 
ATOM   115 O  O2    . DC  B 1 1 ? 14.592  8.839  3.084   1.00 25.92 ? 1    DC  B O2    1 
ATOM   116 N  N3    . DC  B 1 1 ? 14.539  10.850 4.176   1.00 28.19 ? 1    DC  B N3    1 
ATOM   117 C  C4    . DC  B 1 1 ? 13.788  11.827 4.681   1.00 31.25 ? 1    DC  B C4    1 
ATOM   118 N  N4    . DC  B 1 1 ? 14.423  12.847 5.261   1.00 40.27 ? 1    DC  B N4    1 
ATOM   119 C  C5    . DC  B 1 1 ? 12.360  11.792 4.612   1.00 40.38 ? 1    DC  B C5    1 
ATOM   120 C  C6    . DC  B 1 1 ? 11.807  10.727 4.012   1.00 34.18 ? 1    DC  B C6    1 
ATOM   121 P  P     . DG  B 1 2 ? 10.462  4.337  1.686   1.00 38.61 ? 2    DG  B P     1 
ATOM   122 O  OP1   . DG  B 1 2 ? 9.759   4.095  2.932   1.00 41.94 ? 2    DG  B OP1   1 
ATOM   123 O  OP2   . DG  B 1 2 ? 11.456  3.469  1.086   1.00 39.27 ? 2    DG  B OP2   1 
ATOM   124 O  "O5'" . DG  B 1 2 ? 9.309   4.495  0.591   1.00 38.24 ? 2    DG  B "O5'" 1 
ATOM   125 C  "C5'" . DG  B 1 2 ? 9.556   5.369  -0.557  1.00 21.62 ? 2    DG  B "C5'" 1 
ATOM   126 C  "C4'" . DG  B 1 2 ? 8.485   4.916  -1.551  1.00 20.11 ? 2    DG  B "C4'" 1 
ATOM   127 O  "O4'" . DG  B 1 2 ? 8.524   3.452  -1.586  1.00 25.07 ? 2    DG  B "O4'" 1 
ATOM   128 C  "C3'" . DG  B 1 2 ? 7.066   5.271  -1.243  1.00 28.87 ? 2    DG  B "C3'" 1 
ATOM   129 O  "O3'" . DG  B 1 2 ? 6.803   6.575  -1.800  1.00 25.97 ? 2    DG  B "O3'" 1 
ATOM   130 C  "C2'" . DG  B 1 2 ? 6.229   4.123  -1.833  1.00 24.60 ? 2    DG  B "C2'" 1 
ATOM   131 C  "C1'" . DG  B 1 2 ? 7.197   2.923  -1.818  1.00 20.90 ? 2    DG  B "C1'" 1 
ATOM   132 N  N9    . DG  B 1 2 ? 6.844   1.932  -0.808  1.00 18.44 ? 2    DG  B N9    1 
ATOM   133 C  C8    . DG  B 1 2 ? 7.346   1.720  0.445   1.00 23.39 ? 2    DG  B C8    1 
ATOM   134 N  N7    . DG  B 1 2 ? 6.783   0.723  1.089   1.00 31.06 ? 2    DG  B N7    1 
ATOM   135 C  C5    . DG  B 1 2 ? 5.824   0.216  0.215   1.00 18.98 ? 2    DG  B C5    1 
ATOM   136 C  C6    . DG  B 1 2 ? 4.903   -0.857 0.342   1.00 21.59 ? 2    DG  B C6    1 
ATOM   137 O  O6    . DG  B 1 2 ? 4.656   -1.668 1.245   1.00 26.73 ? 2    DG  B O6    1 
ATOM   138 N  N1    . DG  B 1 2 ? 4.115   -1.011 -0.812  1.00 21.23 ? 2    DG  B N1    1 
ATOM   139 C  C2    . DG  B 1 2 ? 4.244   -0.206 -1.917  1.00 15.31 ? 2    DG  B C2    1 
ATOM   140 N  N2    . DG  B 1 2 ? 3.428   -0.468 -2.940  1.00 18.98 ? 2    DG  B N2    1 
ATOM   141 N  N3    . DG  B 1 2 ? 5.103   0.791  -2.031  1.00 15.66 ? 2    DG  B N3    1 
ATOM   142 C  C4    . DG  B 1 2 ? 5.860   0.958  -0.953  1.00 11.85 ? 2    DG  B C4    1 
ATOM   143 P  P     . DT  B 1 3 ? 5.526   7.435  -1.268  1.00 26.78 ? 3    DT  B P     1 
ATOM   144 O  OP1   . DT  B 1 3 ? 5.590   8.718  -1.950  1.00 26.28 ? 3    DT  B OP1   1 
ATOM   145 O  OP2   . DT  B 1 3 ? 5.325   7.068  0.105   1.00 22.76 ? 3    DT  B OP2   1 
ATOM   146 O  "O5'" . DT  B 1 3 ? 4.357   6.648  -2.067  1.00 25.66 ? 3    DT  B "O5'" 1 
ATOM   147 C  "C5'" . DT  B 1 3 ? 4.500   6.610  -3.513  1.00 27.94 ? 3    DT  B "C5'" 1 
ATOM   148 C  "C4'" . DT  B 1 3 ? 3.236   5.969  -4.074  1.00 30.47 ? 3    DT  B "C4'" 1 
ATOM   149 O  "O4'" . DT  B 1 3 ? 3.170   4.610  -3.513  1.00 25.32 ? 3    DT  B "O4'" 1 
ATOM   150 C  "C3'" . DT  B 1 3 ? 1.895   6.586  -3.765  1.00 26.72 ? 3    DT  B "C3'" 1 
ATOM   151 O  "O3'" . DT  B 1 3 ? 1.153   6.603  -4.990  1.00 30.64 ? 3    DT  B "O3'" 1 
ATOM   152 C  "C2'" . DT  B 1 3 ? 1.263   5.745  -2.641  1.00 16.20 ? 3    DT  B "C2'" 1 
ATOM   153 C  "C1'" . DT  B 1 3 ? 1.897   4.364  -2.917  1.00 15.01 ? 3    DT  B "C1'" 1 
ATOM   154 N  N1    . DT  B 1 3 ? 2.135   3.526  -1.737  1.00 15.01 ? 3    DT  B N1    1 
ATOM   155 C  C2    . DT  B 1 3 ? 1.528   2.291  -1.670  1.00 19.96 ? 3    DT  B C2    1 
ATOM   156 O  O2    . DT  B 1 3 ? 0.796   1.869  -2.569  1.00 22.41 ? 3    DT  B O2    1 
ATOM   157 N  N3    . DT  B 1 3 ? 1.792   1.562  -0.539  1.00 20.11 ? 3    DT  B N3    1 
ATOM   158 C  C4    . DT  B 1 3 ? 2.590   1.950  0.522   1.00 13.88 ? 3    DT  B C4    1 
ATOM   159 O  O4    . DT  B 1 3 ? 2.755   1.217  1.476   1.00 16.28 ? 3    DT  B O4    1 
ATOM   160 C  C5    . DT  B 1 3 ? 3.202   3.263  0.381   1.00 12.16 ? 3    DT  B C5    1 
ATOM   161 C  C7    . DT  B 1 3 ? 4.071   3.711  1.508   1.00 16.04 ? 3    DT  B C7    1 
ATOM   162 C  C6    . DT  B 1 3 ? 2.949   3.979  -0.712  1.00 17.56 ? 3    DT  B C6    1 
ATOM   163 P  P     . DA  B 1 4 ? -0.382  7.067  -5.126  1.00 29.01 ? 4    DA  B P     1 
ATOM   164 O  OP1   . DA  B 1 4 ? -0.656  7.309  -6.523  1.00 23.46 ? 4    DA  B OP1   1 
ATOM   165 O  OP2   . DA  B 1 4 ? -0.622  7.935  -3.979  1.00 26.90 ? 4    DA  B OP2   1 
ATOM   166 O  "O5'" . DA  B 1 4 ? -1.156  5.691  -4.811  1.00 28.22 ? 4    DA  B "O5'" 1 
ATOM   167 C  "C5'" . DA  B 1 4 ? -1.132  4.612  -5.781  1.00 21.71 ? 4    DA  B "C5'" 1 
ATOM   168 C  "C4'" . DA  B 1 4 ? -2.331  3.713  -5.498  1.00 23.21 ? 4    DA  B "C4'" 1 
ATOM   169 O  "O4'" . DA  B 1 4 ? -2.010  2.914  -4.303  1.00 19.84 ? 4    DA  B "O4'" 1 
ATOM   170 C  "C3'" . DA  B 1 4 ? -3.642  4.383  -5.220  1.00 12.88 ? 4    DA  B "C3'" 1 
ATOM   171 O  "O3'" . DA  B 1 4 ? -4.701  3.664  -5.841  1.00 20.53 ? 4    DA  B "O3'" 1 
ATOM   172 C  "C2'" . DA  B 1 4 ? -3.743  4.423  -3.667  1.00 19.27 ? 4    DA  B "C2'" 1 
ATOM   173 C  "C1'" . DA  B 1 4 ? -3.032  3.122  -3.298  1.00 16.10 ? 4    DA  B "C1'" 1 
ATOM   174 N  N9    . DA  B 1 4 ? -2.337  3.112  -2.034  1.00 12.54 ? 4    DA  B N9    1 
ATOM   175 C  C8    . DA  B 1 4 ? -1.432  4.059  -1.592  1.00 12.82 ? 4    DA  B C8    1 
ATOM   176 N  N7    . DA  B 1 4 ? -0.946  3.819  -0.415  1.00 16.29 ? 4    DA  B N7    1 
ATOM   177 C  C5    . DA  B 1 4 ? -1.556  2.629  -0.032  1.00 16.19 ? 4    DA  B C5    1 
ATOM   178 C  C6    . DA  B 1 4 ? -1.447  1.853  1.136   1.00 15.07 ? 4    DA  B C6    1 
ATOM   179 N  N6    . DA  B 1 4 ? -0.662  2.140  2.189   1.00 18.52 ? 4    DA  B N6    1 
ATOM   180 N  N1    . DA  B 1 4 ? -2.184  0.723  1.223   1.00 14.24 ? 4    DA  B N1    1 
ATOM   181 C  C2    . DA  B 1 4 ? -2.960  0.431  0.189   1.00 12.41 ? 4    DA  B C2    1 
ATOM   182 N  N3    . DA  B 1 4 ? -3.169  1.061  -0.971  1.00 12.44 ? 4    DA  B N3    1 
ATOM   183 C  C4    . DA  B 1 4 ? -2.413  2.190  -1.024  1.00 13.25 ? 4    DA  B C4    1 
ATOM   184 P  P     . DC  B 1 5 ? -6.142  4.435  -5.977  1.00 22.54 ? 5    DC  B P     1 
ATOM   185 O  OP1   . DC  B 1 5 ? -6.808  3.728  -7.031  1.00 23.74 ? 5    DC  B OP1   1 
ATOM   186 O  OP2   . DC  B 1 5 ? -5.935  5.824  -5.692  1.00 20.22 ? 5    DC  B OP2   1 
ATOM   187 O  "O5'" . DC  B 1 5 ? -6.850  3.938  -4.590  1.00 13.89 ? 5    DC  B "O5'" 1 
ATOM   188 C  "C5'" . DC  B 1 5 ? -7.058  2.502  -4.490  1.00 19.59 ? 5    DC  B "C5'" 1 
ATOM   189 C  "C4'" . DC  B 1 5 ? -7.695  2.250  -3.136  1.00 13.12 ? 5    DC  B "C4'" 1 
ATOM   190 O  "O4'" . DC  B 1 5 ? -6.628  2.338  -2.115  1.00 13.04 ? 5    DC  B "O4'" 1 
ATOM   191 C  "C3'" . DC  B 1 5 ? -8.781  3.191  -2.655  1.00 10.77 ? 5    DC  B "C3'" 1 
ATOM   192 O  "O3'" . DC  B 1 5 ? -9.834  2.372  -2.159  1.00 10.05 ? 5    DC  B "O3'" 1 
ATOM   193 C  "C2'" . DC  B 1 5 ? -8.139  4.106  -1.606  1.00 9.74  ? 5    DC  B "C2'" 1 
ATOM   194 C  "C1'" . DC  B 1 5 ? -7.177  3.064  -0.992  1.00 11.33 ? 5    DC  B "C1'" 1 
ATOM   195 N  N1    . DC  B 1 5 ? -6.055  3.571  -0.216  1.00 11.25 ? 5    DC  B N1    1 
ATOM   196 C  C2    . DC  B 1 5 ? -5.673  2.804  0.877   1.00 11.99 ? 5    DC  B C2    1 
ATOM   197 O  O2    . DC  B 1 5 ? -6.337  1.773  1.053   1.00 10.46 ? 5    DC  B O2    1 
ATOM   198 N  N3    . DC  B 1 5 ? -4.644  3.207  1.637   1.00 8.54  ? 5    DC  B N3    1 
ATOM   199 C  C4    . DC  B 1 5 ? -3.984  4.335  1.376   1.00 9.14  ? 5    DC  B C4    1 
ATOM   200 N  N4    . DC  B 1 5 ? -2.978  4.648  2.189   1.00 12.28 ? 5    DC  B N4    1 
ATOM   201 C  C5    . DC  B 1 5 ? -4.348  5.135  0.265   1.00 11.90 ? 5    DC  B C5    1 
ATOM   202 C  C6    . DC  B 1 5 ? -5.377  4.724  -0.491  1.00 11.83 ? 5    DC  B C6    1 
ATOM   203 P  P     . DG  B 1 6 ? -11.308 2.957  -2.139  1.00 13.08 ? 6    DG  B P     1 
ATOM   204 O  OP1   . DG  B 1 6 ? -12.192 1.830  -1.887  1.00 17.78 ? 6    DG  B OP1   1 
ATOM   205 O  OP2   . DG  B 1 6 ? -11.492 3.893  -3.231  1.00 16.59 ? 6    DG  B OP2   1 
ATOM   206 O  "O5'" . DG  B 1 6 ? -11.294 3.829  -0.815  1.00 10.96 ? 6    DG  B "O5'" 1 
ATOM   207 C  "C5'" . DG  B 1 6 ? -10.999 3.201  0.472   1.00 14.67 ? 6    DG  B "C5'" 1 
ATOM   208 C  "C4'" . DG  B 1 6 ? -11.422 4.195  1.529   1.00 10.88 ? 6    DG  B "C4'" 1 
ATOM   209 O  "O4'" . DG  B 1 6 ? -10.744 5.472  1.304   1.00 12.10 ? 6    DG  B "O4'" 1 
ATOM   210 C  "C3'" . DG  B 1 6 ? -12.893 4.558  1.572   1.00 9.65  ? 6    DG  B "C3'" 1 
ATOM   211 O  "O3'" . DG  B 1 6 ? -13.583 3.638  2.425   1.00 11.65 ? 6    DG  B "O3'" 1 
ATOM   212 C  "C2'" . DG  B 1 6 ? -12.904 6.042  2.020   1.00 11.69 ? 6    DG  B "C2'" 1 
ATOM   213 C  "C1'" . DG  B 1 6 ? -11.750 6.539  1.169   1.00 13.43 ? 6    DG  B "C1'" 1 
ATOM   214 N  N9    . DG  B 1 6 ? -11.942 6.685  -0.244  1.00 11.56 ? 6    DG  B N9    1 
ATOM   215 C  C8    . DG  B 1 6 ? -13.089 6.575  -1.013  1.00 11.10 ? 6    DG  B C8    1 
ATOM   216 N  N7    . DG  B 1 6 ? -12.889 6.774  -2.282  1.00 11.90 ? 6    DG  B N7    1 
ATOM   217 C  C5    . DG  B 1 6 ? -11.531 7.033  -2.366  1.00 12.36 ? 6    DG  B C5    1 
ATOM   218 C  C6    . DG  B 1 6 ? -10.703 7.326  -3.472  1.00 12.37 ? 6    DG  B C6    1 
ATOM   219 O  O6    . DG  B 1 6 ? -11.002 7.424  -4.660  1.00 19.70 ? 6    DG  B O6    1 
ATOM   220 N  N1    . DG  B 1 6 ? -9.376  7.518  -3.088  1.00 11.19 ? 6    DG  B N1    1 
ATOM   221 C  C2    . DG  B 1 6 ? -8.871  7.449  -1.812  1.00 8.86  ? 6    DG  B C2    1 
ATOM   222 N  N2    . DG  B 1 6 ? -7.547  7.681  -1.744  1.00 13.25 ? 6    DG  B N2    1 
ATOM   223 N  N3    . DG  B 1 6 ? -9.634  7.178  -0.784  1.00 11.98 ? 6    DG  B N3    1 
ATOM   224 C  C4    . DG  B 1 6 ? -10.929 6.987  -1.148  1.00 9.78  ? 6    DG  B C4    1 
HETATM 225 CO CO    . CO  C 2 . ? -0.975  2.752  7.901   1.00 21.38 ? 902  CO  A CO    1 
HETATM 226 C  C1    A 7AD D 3 . ? 6.446   -4.043 -1.018  0.40 22.26 ? 101  7AD A C1    1 
HETATM 227 C  C2    A 7AD D 3 . ? 7.089   -3.350 -0.018  0.40 23.68 ? 101  7AD A C2    1 
HETATM 228 C  C3    A 7AD D 3 . ? 7.070   -3.825 1.280   0.40 27.70 ? 101  7AD A C3    1 
HETATM 229 C  C4    A 7AD D 3 . ? 6.398   -5.012 1.638   0.40 8.02  ? 101  7AD A C4    1 
HETATM 230 C  C5    A 7AD D 3 . ? 3.834   -8.741 0.400   0.40 17.44 ? 101  7AD A C5    1 
HETATM 231 C  C6    A 7AD D 3 . ? 3.131   -9.506 -0.522  0.40 19.60 ? 101  7AD A C6    1 
HETATM 232 C  C7    A 7AD D 3 . ? 3.121   -9.172 -1.872  0.40 29.95 ? 101  7AD A C7    1 
HETATM 233 C  C8    A 7AD D 3 . ? 3.723   -7.999 -2.317  0.40 15.86 ? 101  7AD A C8    1 
HETATM 234 C  C9    A 7AD D 3 . ? 5.083   -5.975 -1.778  0.40 16.73 ? 101  7AD A C9    1 
HETATM 235 N  N10   A 7AD D 3 . ? 5.132   -6.875 0.860   0.40 21.01 ? 101  7AD A N10   1 
HETATM 236 C  C11   A 7AD D 3 . ? 5.746   -5.235 -0.762  0.40 5.19  ? 101  7AD A C11   1 
HETATM 237 C  C12   A 7AD D 3 . ? 5.700   -5.711 0.606   0.40 11.79 ? 101  7AD A C12   1 
HETATM 238 C  C13   A 7AD D 3 . ? 4.418   -7.175 -1.409  0.40 7.03  ? 101  7AD A C13   1 
HETATM 239 C  C14   A 7AD D 3 . ? 4.473   -7.574 -0.028  0.40 12.02 ? 101  7AD A C14   1 
HETATM 240 N  N1    A 7AD D 3 . ? 5.041   -5.530 -3.169  0.40 13.51 ? 101  7AD A N1    1 
HETATM 241 C  C1    C 7AD E 3 . ? 6.087   -6.176 1.973   0.40 16.68 ? 601  7AD A C1    1 
HETATM 242 C  C2    C 7AD E 3 . ? 6.736   -5.365 2.869   0.40 16.10 ? 601  7AD A C2    1 
HETATM 243 C  C3    C 7AD E 3 . ? 7.168   -4.107 2.491   0.40 25.85 ? 601  7AD A C3    1 
HETATM 244 C  C4    C 7AD E 3 . ? 6.975   -3.590 1.195   0.40 25.32 ? 601  7AD A C4    1 
HETATM 245 C  C5    C 7AD E 3 . ? 5.309   -4.157 -3.154  0.40 11.73 ? 601  7AD A C5    1 
HETATM 246 C  C6    C 7AD E 3 . ? 4.660   -4.880 -4.145  0.40 18.80 ? 601  7AD A C6    1 
HETATM 247 C  C7    C 7AD E 3 . ? 4.209   -6.161 -3.881  0.40 16.16 ? 601  7AD A C7    1 
HETATM 248 C  C8    C 7AD E 3 . ? 4.333   -6.748 -2.631  0.40 11.22 ? 601  7AD A C8    1 
HETATM 249 C  C9    C 7AD E 3 . ? 5.166   -6.561 -0.293  0.40 10.53 ? 601  7AD A C9    1 
HETATM 250 N  N10   C 7AD E 3 . ? 6.083   -4.009 -0.974  0.40 24.60 ? 601  7AD A N10   1 
HETATM 251 C  C11   C 7AD E 3 . ? 5.801   -5.730 0.673   0.40 12.26 ? 601  7AD A C11   1 
HETATM 252 C  C12   C 7AD E 3 . ? 6.327   -4.449 0.247   0.40 16.33 ? 601  7AD A C12   1 
HETATM 253 C  C13   C 7AD E 3 . ? 5.002   -6.046 -1.600  0.40 12.73 ? 601  7AD A C13   1 
HETATM 254 C  C14   C 7AD E 3 . ? 5.473   -4.716 -1.891  0.40 9.25  ? 601  7AD A C14   1 
HETATM 255 N  N1    C 7AD E 3 . ? 4.708   -7.902 0.058   0.40 24.71 ? 601  7AD A N1    1 
HETATM 256 CO CO    . CO  F 2 . ? -14.596 6.581  -3.529  0.50 13.26 ? 901  CO  B CO    1 
HETATM 257 MG MG    . MG  G 4 . ? 12.561  2.444  0.223   0.50 23.54 ? 903  MG  B MG    1 
HETATM 258 MG MG    . MG  H 4 . ? -13.314 -0.136 -1.124  0.50 13.20 ? 904  MG  B MG    1 
HETATM 259 C  C1    B 7AD I 3 . ? 7.504   -2.985 -0.424  0.20 18.27 ? 401  7AD B C1    1 
HETATM 260 C  C2    B 7AD I 3 . ? 6.689   -4.050 -0.119  0.20 20.02 ? 401  7AD B C2    1 
HETATM 261 C  C3    B 7AD I 3 . ? 5.740   -4.485 -1.025  0.20 17.95 ? 401  7AD B C3    1 
HETATM 262 C  C4    B 7AD I 3 . ? 5.552   -3.852 -2.268  0.20 2.00  ? 401  7AD B C4    1 
HETATM 263 C  C5    B 7AD I 3 . ? 6.841   -0.524 -5.364  0.20 14.67 ? 401  7AD B C5    1 
HETATM 264 C  C6    B 7AD I 3 . ? 7.618   0.556  -5.761  0.20 12.69 ? 401  7AD B C6    1 
HETATM 265 C  C7    B 7AD I 3 . ? 8.608   1.070  -4.937  0.20 10.80 ? 401  7AD B C7    1 
HETATM 266 C  C8    B 7AD I 3 . ? 8.835   0.507  -3.688  0.20 9.70  ? 401  7AD B C8    1 
HETATM 267 C  C9    B 7AD I 3 . ? 8.230   -1.203 -1.977  0.20 10.14 ? 401  7AD B C9    1 
HETATM 268 N  N10   B 7AD I 3 . ? 6.307   -2.128 -3.760  0.20 12.12 ? 401  7AD B N10   1 
HETATM 269 C  C11   B 7AD I 3 . ? 7.372   -2.281 -1.632  0.20 0.00  ? 401  7AD B C11   1 
HETATM 270 C  C12   B 7AD I 3 . ? 6.430   -2.778 -2.616  0.20 1.00  ? 401  7AD B C12   1 
HETATM 271 C  C13   B 7AD I 3 . ? 8.067   -0.588 -3.241  0.20 15.49 ? 401  7AD B C13   1 
HETATM 272 C  C14   B 7AD I 3 . ? 7.052   -1.117 -4.120  0.20 12.86 ? 401  7AD B C14   1 
HETATM 273 N  N1    B 7AD I 3 . ? 9.240   -0.721 -1.040  0.20 21.16 ? 401  7AD B N1    1 
HETATM 274 O  O     . HOH J 5 . ? -4.839  3.113  8.758   1.00 19.85 ? 907  HOH A O     1 
HETATM 275 O  O     . HOH J 5 . ? -8.010  -8.147 3.603   1.00 19.29 ? 908  HOH A O     1 
HETATM 276 O  O     . HOH J 5 . ? -1.992  4.334  6.723   1.00 20.89 ? 909  HOH A O     1 
HETATM 277 O  O     . HOH J 5 . ? -2.948  -2.570 -3.286  1.00 15.57 ? 912  HOH A O     1 
HETATM 278 O  O     . HOH J 5 . ? 2.965   -5.836 3.411   1.00 32.34 ? 917  HOH A O     1 
HETATM 279 O  O     . HOH J 5 . ? -8.834  -7.654 6.033   1.00 29.56 ? 919  HOH A O     1 
HETATM 280 O  O     . HOH J 5 . ? 0.119   2.236  6.149   1.00 21.98 ? 920  HOH A O     1 
HETATM 281 O  O     . HOH J 5 . ? -0.115  1.257  9.194   1.00 20.49 ? 921  HOH A O     1 
HETATM 282 O  O     . HOH J 5 . ? 0.530   4.157  8.470   0.50 15.63 ? 922  HOH A O     1 
HETATM 283 O  O     . HOH J 5 . ? -2.196  3.167  9.554   1.00 20.68 ? 923  HOH A O     1 
HETATM 284 O  O     . HOH J 5 . ? -5.006  -4.527 -3.860  1.00 26.49 ? 924  HOH A O     1 
HETATM 285 O  O     . HOH J 5 . ? -0.304  -7.679 2.773   1.00 30.38 ? 925  HOH A O     1 
HETATM 286 O  O     . HOH J 5 . ? -3.323  6.403  7.999   1.00 29.39 ? 928  HOH A O     1 
HETATM 287 O  O     . HOH J 5 . ? -7.034  1.363  9.822   1.00 34.08 ? 4035 HOH A O     1 
HETATM 288 O  O     . HOH K 5 . ? -12.614 6.623  -6.268  0.50 9.22  ? 905  HOH B O     1 
HETATM 289 O  O     . HOH K 5 . ? 0.541   5.167  1.356   1.00 23.10 ? 906  HOH B O     1 
HETATM 290 O  O     . HOH K 5 . ? -12.764 4.398  5.009   1.00 11.61 ? 910  HOH B O     1 
HETATM 291 O  O     . HOH K 5 . ? -15.750 7.927  -2.112  1.00 19.44 ? 911  HOH B O     1 
HETATM 292 O  O     . HOH K 5 . ? -5.329  7.259  -3.512  1.00 26.35 ? 913  HOH B O     1 
HETATM 293 O  O     . HOH K 5 . ? 2.293   7.097  0.686   1.00 21.56 ? 914  HOH B O     1 
HETATM 294 O  O     . HOH K 5 . ? -14.183 8.227  -4.443  0.50 10.78 ? 915  HOH B O     1 
HETATM 295 O  O     . HOH K 5 . ? -15.630 2.080  8.874   1.00 27.68 ? 916  HOH B O     1 
HETATM 296 O  O     . HOH K 5 . ? -14.936 2.759  6.109   1.00 27.72 ? 918  HOH B O     1 
HETATM 297 O  O     . HOH K 5 . ? 11.202  1.010  -0.783  0.25 19.74 ? 926  HOH B O     1 
HETATM 298 O  O     . HOH K 5 . ? -17.848 7.370  -0.646  1.00 21.13 ? 927  HOH B O     1 
HETATM 299 O  O     . HOH K 5 . ? -3.401  6.952  -7.562  1.00 55.37 ? 929  HOH B O     1 
HETATM 300 O  O     . HOH K 5 . ? -8.020  7.892  -5.430  1.00 22.38 ? 930  HOH B O     1 
HETATM 301 O  O     . HOH K 5 . ? 7.430   -0.141 3.730   1.00 36.47 ? 932  HOH B O     1 
HETATM 302 O  O     . HOH K 5 . ? -11.545 4.589  -6.323  1.00 30.99 ? 934  HOH B O     1 
HETATM 303 O  O     . HOH K 5 . ? -16.161 10.581 -2.756  1.00 23.37 ? 4036 HOH B O     1 
# 
loop_
_atom_site_anisotrop.id 
_atom_site_anisotrop.type_symbol 
_atom_site_anisotrop.pdbx_label_atom_id 
_atom_site_anisotrop.pdbx_label_alt_id 
_atom_site_anisotrop.pdbx_label_comp_id 
_atom_site_anisotrop.pdbx_label_asym_id 
_atom_site_anisotrop.pdbx_label_seq_id 
_atom_site_anisotrop.pdbx_PDB_ins_code 
_atom_site_anisotrop.U[1][1] 
_atom_site_anisotrop.U[2][2] 
_atom_site_anisotrop.U[3][3] 
_atom_site_anisotrop.U[1][2] 
_atom_site_anisotrop.U[1][3] 
_atom_site_anisotrop.U[2][3] 
_atom_site_anisotrop.pdbx_auth_seq_id 
_atom_site_anisotrop.pdbx_auth_comp_id 
_atom_site_anisotrop.pdbx_auth_asym_id 
_atom_site_anisotrop.pdbx_auth_atom_id 
225 CO CO . CO C . ? 0.2863 0.2946 0.2317 -0.0314 -0.0632 -0.0351 902 CO A CO 
256 CO CO . CO F . ? 0.1623 0.1464 0.1949 0.0243  -0.0484 0.0163  901 CO B CO 
257 MG MG . MG G . ? 0.3430 0.1380 0.4136 0.0448  -0.1526 0.0182  903 MG B MG 
258 MG MG . MG H . ? 0.1409 0.0938 0.2667 -0.0261 -0.0430 0.0771  904 MG B MG 
# 
loop_
_pdbx_poly_seq_scheme.asym_id 
_pdbx_poly_seq_scheme.entity_id 
_pdbx_poly_seq_scheme.seq_id 
_pdbx_poly_seq_scheme.mon_id 
_pdbx_poly_seq_scheme.ndb_seq_num 
_pdbx_poly_seq_scheme.pdb_seq_num 
_pdbx_poly_seq_scheme.auth_seq_num 
_pdbx_poly_seq_scheme.pdb_mon_id 
_pdbx_poly_seq_scheme.auth_mon_id 
_pdbx_poly_seq_scheme.pdb_strand_id 
_pdbx_poly_seq_scheme.pdb_ins_code 
_pdbx_poly_seq_scheme.hetero 
A 1 1 DC 1 0 ? ?  ? A . n 
A 1 2 DG 2 1 1 DG G A . n 
A 1 3 DT 3 2 2 DT T A . n 
A 1 4 DA 4 3 3 DA A A . n 
A 1 5 DC 5 4 4 DC C A . n 
A 1 6 DG 6 5 5 DG G A . n 
B 1 1 DC 1 1 1 DC C B . n 
B 1 2 DG 2 2 2 DG G B . n 
B 1 3 DT 3 3 3 DT T B . n 
B 1 4 DA 4 4 4 DA A B . n 
B 1 5 DC 5 5 5 DC C B . n 
B 1 6 DG 6 6 6 DG G B . n 
# 
loop_
_pdbx_nonpoly_scheme.asym_id 
_pdbx_nonpoly_scheme.entity_id 
_pdbx_nonpoly_scheme.mon_id 
_pdbx_nonpoly_scheme.ndb_seq_num 
_pdbx_nonpoly_scheme.pdb_seq_num 
_pdbx_nonpoly_scheme.auth_seq_num 
_pdbx_nonpoly_scheme.pdb_mon_id 
_pdbx_nonpoly_scheme.auth_mon_id 
_pdbx_nonpoly_scheme.pdb_strand_id 
_pdbx_nonpoly_scheme.pdb_ins_code 
C 2 CO  1  902  902  CO  CO  A . 
D 3 7AD 1  101  101  7AD DAC A . 
E 3 7AD 1  601  601  7AD DAC A . 
F 2 CO  1  901  901  CO  CO  B . 
G 4 MG  1  903  903  MG  MG  B . 
H 4 MG  1  904  904  MG  MG  B . 
I 3 7AD 1  401  401  7AD DAC B . 
J 5 HOH 1  907  907  HOH HOH A . 
J 5 HOH 2  908  908  HOH HOH A . 
J 5 HOH 3  909  909  HOH HOH A . 
J 5 HOH 4  912  912  HOH HOH A . 
J 5 HOH 5  917  917  HOH HOH A . 
J 5 HOH 6  919  919  HOH HOH A . 
J 5 HOH 7  920  920  HOH HOH A . 
J 5 HOH 8  921  921  HOH HOH A . 
J 5 HOH 9  922  922  HOH HOH A . 
J 5 HOH 10 923  923  HOH HOH A . 
J 5 HOH 11 924  924  HOH HOH A . 
J 5 HOH 12 925  925  HOH HOH A . 
J 5 HOH 13 928  928  HOH HOH A . 
J 5 HOH 14 4035 4035 HOH HOH A . 
K 5 HOH 1  905  905  HOH HOH B . 
K 5 HOH 2  906  906  HOH HOH B . 
K 5 HOH 3  910  910  HOH HOH B . 
K 5 HOH 4  911  911  HOH HOH B . 
K 5 HOH 5  913  913  HOH HOH B . 
K 5 HOH 6  914  914  HOH HOH B . 
K 5 HOH 7  915  915  HOH HOH B . 
K 5 HOH 8  916  916  HOH HOH B . 
K 5 HOH 9  918  918  HOH HOH B . 
K 5 HOH 10 926  926  HOH HOH B . 
K 5 HOH 11 927  927  HOH HOH B . 
K 5 HOH 12 929  929  HOH HOH B . 
K 5 HOH 13 930  930  HOH HOH B . 
K 5 HOH 14 932  932  HOH HOH B . 
K 5 HOH 15 934  934  HOH HOH B . 
K 5 HOH 16 4036 4036 HOH HOH B . 
# 
_struct_site_keywords.site_id   1 
_struct_site_keywords.text      INTERCALATION 
# 
_pdbx_struct_assembly.id                   1 
_pdbx_struct_assembly.details              author_defined_assembly 
_pdbx_struct_assembly.method_details       ? 
_pdbx_struct_assembly.oligomeric_details   dimeric 
_pdbx_struct_assembly.oligomeric_count     2 
# 
_pdbx_struct_assembly_gen.assembly_id       1 
_pdbx_struct_assembly_gen.oper_expression   1 
_pdbx_struct_assembly_gen.asym_id_list      A,B,C,D,E,F,G,H,I,J,K 
# 
_pdbx_struct_oper_list.id                   1 
_pdbx_struct_oper_list.type                 'identity operation' 
_pdbx_struct_oper_list.name                 1_555 
_pdbx_struct_oper_list.symmetry_operation   x,y,z 
_pdbx_struct_oper_list.matrix[1][1]         1.0000000000 
_pdbx_struct_oper_list.matrix[1][2]         0.0000000000 
_pdbx_struct_oper_list.matrix[1][3]         0.0000000000 
_pdbx_struct_oper_list.vector[1]            0.0000000000 
_pdbx_struct_oper_list.matrix[2][1]         0.0000000000 
_pdbx_struct_oper_list.matrix[2][2]         1.0000000000 
_pdbx_struct_oper_list.matrix[2][3]         0.0000000000 
_pdbx_struct_oper_list.vector[2]            0.0000000000 
_pdbx_struct_oper_list.matrix[3][1]         0.0000000000 
_pdbx_struct_oper_list.matrix[3][2]         0.0000000000 
_pdbx_struct_oper_list.matrix[3][3]         1.0000000000 
_pdbx_struct_oper_list.vector[3]            0.0000000000 
# 
loop_
_pdbx_struct_special_symmetry.id 
_pdbx_struct_special_symmetry.PDB_model_num 
_pdbx_struct_special_symmetry.auth_asym_id 
_pdbx_struct_special_symmetry.auth_comp_id 
_pdbx_struct_special_symmetry.auth_seq_id 
_pdbx_struct_special_symmetry.PDB_ins_code 
_pdbx_struct_special_symmetry.label_asym_id 
_pdbx_struct_special_symmetry.label_comp_id 
_pdbx_struct_special_symmetry.label_seq_id 
1 1 B CO  901 ? F CO  . 
2 1 B MG  903 ? G MG  . 
3 1 B 7AD 401 ? I 7AD . 
4 1 B HOH 905 ? K HOH . 
5 1 B HOH 926 ? K HOH . 
# 
loop_
_pdbx_struct_conn_angle.id 
_pdbx_struct_conn_angle.ptnr1_label_atom_id 
_pdbx_struct_conn_angle.ptnr1_label_alt_id 
_pdbx_struct_conn_angle.ptnr1_label_asym_id 
_pdbx_struct_conn_angle.ptnr1_label_comp_id 
_pdbx_struct_conn_angle.ptnr1_label_seq_id 
_pdbx_struct_conn_angle.ptnr1_auth_atom_id 
_pdbx_struct_conn_angle.ptnr1_auth_asym_id 
_pdbx_struct_conn_angle.ptnr1_auth_comp_id 
_pdbx_struct_conn_angle.ptnr1_auth_seq_id 
_pdbx_struct_conn_angle.ptnr1_PDB_ins_code 
_pdbx_struct_conn_angle.ptnr1_symmetry 
_pdbx_struct_conn_angle.ptnr2_label_atom_id 
_pdbx_struct_conn_angle.ptnr2_label_alt_id 
_pdbx_struct_conn_angle.ptnr2_label_asym_id 
_pdbx_struct_conn_angle.ptnr2_label_comp_id 
_pdbx_struct_conn_angle.ptnr2_label_seq_id 
_pdbx_struct_conn_angle.ptnr2_auth_atom_id 
_pdbx_struct_conn_angle.ptnr2_auth_asym_id 
_pdbx_struct_conn_angle.ptnr2_auth_comp_id 
_pdbx_struct_conn_angle.ptnr2_auth_seq_id 
_pdbx_struct_conn_angle.ptnr2_PDB_ins_code 
_pdbx_struct_conn_angle.ptnr2_symmetry 
_pdbx_struct_conn_angle.ptnr3_label_atom_id 
_pdbx_struct_conn_angle.ptnr3_label_alt_id 
_pdbx_struct_conn_angle.ptnr3_label_asym_id 
_pdbx_struct_conn_angle.ptnr3_label_comp_id 
_pdbx_struct_conn_angle.ptnr3_label_seq_id 
_pdbx_struct_conn_angle.ptnr3_auth_atom_id 
_pdbx_struct_conn_angle.ptnr3_auth_asym_id 
_pdbx_struct_conn_angle.ptnr3_auth_comp_id 
_pdbx_struct_conn_angle.ptnr3_auth_seq_id 
_pdbx_struct_conn_angle.ptnr3_PDB_ins_code 
_pdbx_struct_conn_angle.ptnr3_symmetry 
_pdbx_struct_conn_angle.value 
_pdbx_struct_conn_angle.value_esd 
1  N7  ? A DG  2 ? A DG  1   ? 1_555 CO ? C CO . ? A CO 902 ? 1_555 O   ? J HOH . ? A HOH 909  ? 1_555 86.4  ? 
2  N7  ? A DG  2 ? A DG  1   ? 1_555 CO ? C CO . ? A CO 902 ? 1_555 O   ? J HOH . ? A HOH 920  ? 1_555 88.5  ? 
3  O   ? J HOH . ? A HOH 909 ? 1_555 CO ? C CO . ? A CO 902 ? 1_555 O   ? J HOH . ? A HOH 920  ? 1_555 88.4  ? 
4  N7  ? A DG  2 ? A DG  1   ? 1_555 CO ? C CO . ? A CO 902 ? 1_555 O   ? J HOH . ? A HOH 921  ? 1_555 93.0  ? 
5  O   ? J HOH . ? A HOH 909 ? 1_555 CO ? C CO . ? A CO 902 ? 1_555 O   ? J HOH . ? A HOH 921  ? 1_555 174.6 ? 
6  O   ? J HOH . ? A HOH 920 ? 1_555 CO ? C CO . ? A CO 902 ? 1_555 O   ? J HOH . ? A HOH 921  ? 1_555 96.9  ? 
7  N7  ? A DG  2 ? A DG  1   ? 1_555 CO ? C CO . ? A CO 902 ? 1_555 O   ? J HOH . ? A HOH 922  ? 1_555 176.1 ? 
8  O   ? J HOH . ? A HOH 909 ? 1_555 CO ? C CO . ? A CO 902 ? 1_555 O   ? J HOH . ? A HOH 922  ? 1_555 89.7  ? 
9  O   ? J HOH . ? A HOH 920 ? 1_555 CO ? C CO . ? A CO 902 ? 1_555 O   ? J HOH . ? A HOH 922  ? 1_555 91.0  ? 
10 O   ? J HOH . ? A HOH 921 ? 1_555 CO ? C CO . ? A CO 902 ? 1_555 O   ? J HOH . ? A HOH 922  ? 1_555 90.9  ? 
11 N7  ? A DG  2 ? A DG  1   ? 1_555 CO ? C CO . ? A CO 902 ? 1_555 O   ? J HOH . ? A HOH 923  ? 1_555 86.5  ? 
12 O   ? J HOH . ? A HOH 909 ? 1_555 CO ? C CO . ? A CO 902 ? 1_555 O   ? J HOH . ? A HOH 923  ? 1_555 90.6  ? 
13 O   ? J HOH . ? A HOH 920 ? 1_555 CO ? C CO . ? A CO 902 ? 1_555 O   ? J HOH . ? A HOH 923  ? 1_555 174.9 ? 
14 O   ? J HOH . ? A HOH 921 ? 1_555 CO ? C CO . ? A CO 902 ? 1_555 O   ? J HOH . ? A HOH 923  ? 1_555 84.1  ? 
15 O   ? J HOH . ? A HOH 922 ? 1_555 CO ? C CO . ? A CO 902 ? 1_555 O   ? J HOH . ? A HOH 923  ? 1_555 94.0  ? 
16 OP2 ? B DG  2 ? B DG  2   ? 1_555 MG ? G MG . ? B MG 903 ? 1_555 OP2 ? B DG  2 ? B DG  2    ? 2_665 158.9 ? 
17 OP2 ? B DG  2 ? B DG  2   ? 1_555 MG ? G MG . ? B MG 903 ? 1_555 OP2 ? B DG  2 ? B DG  2    ? 4_565 100.5 ? 
18 OP2 ? B DG  2 ? B DG  2   ? 2_665 MG ? G MG . ? B MG 903 ? 1_555 OP2 ? B DG  2 ? B DG  2    ? 4_565 100.3 ? 
19 OP2 ? B DG  2 ? B DG  2   ? 1_555 MG ? G MG . ? B MG 903 ? 1_555 OP2 ? B DG  2 ? B DG  2    ? 3_655 100.3 ? 
20 OP2 ? B DG  2 ? B DG  2   ? 2_665 MG ? G MG . ? B MG 903 ? 1_555 OP2 ? B DG  2 ? B DG  2    ? 3_655 59.0  ? 
21 OP2 ? B DG  2 ? B DG  2   ? 4_565 MG ? G MG . ? B MG 903 ? 1_555 OP2 ? B DG  2 ? B DG  2    ? 3_655 158.9 ? 
22 OP2 ? B DG  2 ? B DG  2   ? 1_555 MG ? G MG . ? B MG 903 ? 1_555 O   ? K HOH . ? B HOH 926  ? 1_555 102.6 ? 
23 OP2 ? B DG  2 ? B DG  2   ? 2_665 MG ? G MG . ? B MG 903 ? 1_555 O   ? K HOH . ? B HOH 926  ? 1_555 77.2  ? 
24 OP2 ? B DG  2 ? B DG  2   ? 4_565 MG ? G MG . ? B MG 903 ? 1_555 O   ? K HOH . ? B HOH 926  ? 1_555 98.2  ? 
25 OP2 ? B DG  2 ? B DG  2   ? 3_655 MG ? G MG . ? B MG 903 ? 1_555 O   ? K HOH . ? B HOH 926  ? 1_555 74.4  ? 
26 OP2 ? B DG  2 ? B DG  2   ? 1_555 MG ? G MG . ? B MG 903 ? 1_555 O   ? K HOH . ? B HOH 926  ? 3_655 98.2  ? 
27 OP2 ? B DG  2 ? B DG  2   ? 2_665 MG ? G MG . ? B MG 903 ? 1_555 O   ? K HOH . ? B HOH 926  ? 3_655 74.4  ? 
28 OP2 ? B DG  2 ? B DG  2   ? 4_565 MG ? G MG . ? B MG 903 ? 1_555 O   ? K HOH . ? B HOH 926  ? 3_655 102.6 ? 
29 OP2 ? B DG  2 ? B DG  2   ? 3_655 MG ? G MG . ? B MG 903 ? 1_555 O   ? K HOH . ? B HOH 926  ? 3_655 77.2  ? 
30 O   ? K HOH . ? B HOH 926 ? 1_555 MG ? G MG . ? B MG 903 ? 1_555 O   ? K HOH . ? B HOH 926  ? 3_655 147.3 ? 
31 OP2 ? B DG  2 ? B DG  2   ? 1_555 MG ? G MG . ? B MG 903 ? 1_555 O   ? K HOH . ? B HOH 926  ? 4_565 98.2  ? 
32 OP2 ? B DG  2 ? B DG  2   ? 2_665 MG ? G MG . ? B MG 903 ? 1_555 O   ? K HOH . ? B HOH 926  ? 4_565 74.4  ? 
33 OP2 ? B DG  2 ? B DG  2   ? 4_565 MG ? G MG . ? B MG 903 ? 1_555 O   ? K HOH . ? B HOH 926  ? 4_565 102.6 ? 
34 OP2 ? B DG  2 ? B DG  2   ? 3_655 MG ? G MG . ? B MG 903 ? 1_555 O   ? K HOH . ? B HOH 926  ? 4_565 77.2  ? 
35 O   ? K HOH . ? B HOH 926 ? 1_555 MG ? G MG . ? B MG 903 ? 1_555 O   ? K HOH . ? B HOH 926  ? 4_565 147.3 ? 
36 O   ? K HOH . ? B HOH 926 ? 3_655 MG ? G MG . ? B MG 903 ? 1_555 O   ? K HOH . ? B HOH 926  ? 4_565 0.0   ? 
37 OP2 ? B DG  2 ? B DG  2   ? 1_555 MG ? G MG . ? B MG 903 ? 1_555 O   ? K HOH . ? B HOH 926  ? 2_665 102.6 ? 
38 OP2 ? B DG  2 ? B DG  2   ? 2_665 MG ? G MG . ? B MG 903 ? 1_555 O   ? K HOH . ? B HOH 926  ? 2_665 77.2  ? 
39 OP2 ? B DG  2 ? B DG  2   ? 4_565 MG ? G MG . ? B MG 903 ? 1_555 O   ? K HOH . ? B HOH 926  ? 2_665 98.2  ? 
40 OP2 ? B DG  2 ? B DG  2   ? 3_655 MG ? G MG . ? B MG 903 ? 1_555 O   ? K HOH . ? B HOH 926  ? 2_665 74.4  ? 
41 O   ? K HOH . ? B HOH 926 ? 1_555 MG ? G MG . ? B MG 903 ? 1_555 O   ? K HOH . ? B HOH 926  ? 2_665 0.0   ? 
42 O   ? K HOH . ? B HOH 926 ? 3_655 MG ? G MG . ? B MG 903 ? 1_555 O   ? K HOH . ? B HOH 926  ? 2_665 147.3 ? 
43 O   ? K HOH . ? B HOH 926 ? 4_565 MG ? G MG . ? B MG 903 ? 1_555 O   ? K HOH . ? B HOH 926  ? 2_665 147.3 ? 
44 N7  ? B DG  6 ? B DG  6   ? 1_555 CO ? F CO . ? B CO 901 ? 1_555 N7  ? B DG  6 ? B DG  6    ? 3_756 179.6 ? 
45 N7  ? B DG  6 ? B DG  6   ? 1_555 CO ? F CO . ? B CO 901 ? 1_555 O   ? K HOH . ? B HOH 911  ? 1_555 89.3  ? 
46 N7  ? B DG  6 ? B DG  6   ? 3_756 CO ? F CO . ? B CO 901 ? 1_555 O   ? K HOH . ? B HOH 911  ? 1_555 90.4  ? 
47 N7  ? B DG  6 ? B DG  6   ? 1_555 CO ? F CO . ? B CO 901 ? 1_555 O   ? K HOH . ? B HOH 911  ? 3_756 90.4  ? 
48 N7  ? B DG  6 ? B DG  6   ? 3_756 CO ? F CO . ? B CO 901 ? 1_555 O   ? K HOH . ? B HOH 911  ? 3_756 89.3  ? 
49 O   ? K HOH . ? B HOH 911 ? 1_555 CO ? F CO . ? B CO 901 ? 1_555 O   ? K HOH . ? B HOH 911  ? 3_756 74.4  ? 
50 N7  ? B DG  6 ? B DG  6   ? 1_555 CO ? F CO . ? B CO 901 ? 1_555 O   ? K HOH . ? B HOH 915  ? 1_555 91.6  ? 
51 N7  ? B DG  6 ? B DG  6   ? 3_756 CO ? F CO . ? B CO 901 ? 1_555 O   ? K HOH . ? B HOH 915  ? 1_555 88.6  ? 
52 O   ? K HOH . ? B HOH 911 ? 1_555 CO ? F CO . ? B CO 901 ? 1_555 O   ? K HOH . ? B HOH 915  ? 1_555 84.2  ? 
53 O   ? K HOH . ? B HOH 911 ? 3_756 CO ? F CO . ? B CO 901 ? 1_555 O   ? K HOH . ? B HOH 915  ? 1_555 158.5 ? 
54 N7  ? B DG  6 ? B DG  6   ? 1_555 CO ? F CO . ? B CO 901 ? 1_555 O   ? K HOH . ? B HOH 915  ? 3_756 88.5  ? 
55 N7  ? B DG  6 ? B DG  6   ? 3_756 CO ? F CO . ? B CO 901 ? 1_555 O   ? K HOH . ? B HOH 915  ? 3_756 91.7  ? 
56 O   ? K HOH . ? B HOH 911 ? 1_555 CO ? F CO . ? B CO 901 ? 1_555 O   ? K HOH . ? B HOH 915  ? 3_756 158.5 ? 
57 O   ? K HOH . ? B HOH 911 ? 3_756 CO ? F CO . ? B CO 901 ? 1_555 O   ? K HOH . ? B HOH 915  ? 3_756 84.2  ? 
58 O   ? K HOH . ? B HOH 915 ? 1_555 CO ? F CO . ? B CO 901 ? 1_555 O   ? K HOH . ? B HOH 915  ? 3_756 117.3 ? 
59 OP1 ? B DG  6 ? B DG  6   ? 1_555 MG ? H MG . ? B MG 904 ? 1_555 OP1 ? B DG  6 ? B DG  6    ? 6_655 91.8  ? 
60 OP1 ? B DG  6 ? B DG  6   ? 1_555 MG ? H MG . ? B MG 904 ? 1_555 O   ? K HOH . ? B HOH 4036 ? 3_756 56.0  ? 
61 OP1 ? B DG  6 ? B DG  6   ? 6_655 MG ? H MG . ? B MG 904 ? 1_555 O   ? K HOH . ? B HOH 4036 ? 3_756 147.6 ? 
# 
loop_
_pdbx_audit_revision_history.ordinal 
_pdbx_audit_revision_history.data_content_type 
_pdbx_audit_revision_history.major_revision 
_pdbx_audit_revision_history.minor_revision 
_pdbx_audit_revision_history.revision_date 
1 'Structure model' 1 0 2004-05-11 
2 'Structure model' 1 1 2008-04-29 
3 'Structure model' 1 2 2011-07-13 
4 'Structure model' 1 3 2023-08-23 
# 
_pdbx_audit_revision_details.ordinal             1 
_pdbx_audit_revision_details.revision_ordinal    1 
_pdbx_audit_revision_details.data_content_type   'Structure model' 
_pdbx_audit_revision_details.provider            repository 
_pdbx_audit_revision_details.type                'Initial release' 
_pdbx_audit_revision_details.description         ? 
_pdbx_audit_revision_details.details             ? 
# 
loop_
_pdbx_audit_revision_group.ordinal 
_pdbx_audit_revision_group.revision_ordinal 
_pdbx_audit_revision_group.data_content_type 
_pdbx_audit_revision_group.group 
1 2 'Structure model' 'Version format compliance' 
2 3 'Structure model' 'Version format compliance' 
3 4 'Structure model' 'Data collection'           
4 4 'Structure model' 'Database references'       
5 4 'Structure model' 'Derived calculations'      
6 4 'Structure model' 'Refinement description'    
# 
loop_
_pdbx_audit_revision_category.ordinal 
_pdbx_audit_revision_category.revision_ordinal 
_pdbx_audit_revision_category.data_content_type 
_pdbx_audit_revision_category.category 
1 4 'Structure model' chem_comp_atom                
2 4 'Structure model' chem_comp_bond                
3 4 'Structure model' database_2                    
4 4 'Structure model' pdbx_initial_refinement_model 
5 4 'Structure model' pdbx_struct_conn_angle        
6 4 'Structure model' pdbx_struct_special_symmetry  
7 4 'Structure model' struct_conn                   
8 4 'Structure model' struct_site                   
# 
loop_
_pdbx_audit_revision_item.ordinal 
_pdbx_audit_revision_item.revision_ordinal 
_pdbx_audit_revision_item.data_content_type 
_pdbx_audit_revision_item.item 
1  4 'Structure model' '_database_2.pdbx_DOI'                        
2  4 'Structure model' '_database_2.pdbx_database_accession'         
3  4 'Structure model' '_pdbx_struct_conn_angle.ptnr1_auth_comp_id'  
4  4 'Structure model' '_pdbx_struct_conn_angle.ptnr1_auth_seq_id'   
5  4 'Structure model' '_pdbx_struct_conn_angle.ptnr1_label_asym_id' 
6  4 'Structure model' '_pdbx_struct_conn_angle.ptnr1_label_atom_id' 
7  4 'Structure model' '_pdbx_struct_conn_angle.ptnr1_label_comp_id' 
8  4 'Structure model' '_pdbx_struct_conn_angle.ptnr1_label_seq_id'  
9  4 'Structure model' '_pdbx_struct_conn_angle.ptnr1_symmetry'      
10 4 'Structure model' '_pdbx_struct_conn_angle.ptnr2_auth_comp_id'  
11 4 'Structure model' '_pdbx_struct_conn_angle.ptnr2_auth_seq_id'   
12 4 'Structure model' '_pdbx_struct_conn_angle.ptnr2_label_asym_id' 
13 4 'Structure model' '_pdbx_struct_conn_angle.ptnr2_label_atom_id' 
14 4 'Structure model' '_pdbx_struct_conn_angle.ptnr2_label_comp_id' 
15 4 'Structure model' '_pdbx_struct_conn_angle.ptnr3_auth_comp_id'  
16 4 'Structure model' '_pdbx_struct_conn_angle.ptnr3_auth_seq_id'   
17 4 'Structure model' '_pdbx_struct_conn_angle.ptnr3_label_asym_id' 
18 4 'Structure model' '_pdbx_struct_conn_angle.ptnr3_label_atom_id' 
19 4 'Structure model' '_pdbx_struct_conn_angle.ptnr3_label_comp_id' 
20 4 'Structure model' '_pdbx_struct_conn_angle.ptnr3_label_seq_id'  
21 4 'Structure model' '_pdbx_struct_conn_angle.ptnr3_symmetry'      
22 4 'Structure model' '_pdbx_struct_conn_angle.value'               
23 4 'Structure model' '_struct_conn.pdbx_dist_value'                
24 4 'Structure model' '_struct_conn.ptnr1_auth_comp_id'             
25 4 'Structure model' '_struct_conn.ptnr1_auth_seq_id'              
26 4 'Structure model' '_struct_conn.ptnr1_label_asym_id'            
27 4 'Structure model' '_struct_conn.ptnr1_label_atom_id'            
28 4 'Structure model' '_struct_conn.ptnr1_label_comp_id'            
29 4 'Structure model' '_struct_conn.ptnr1_label_seq_id'             
30 4 'Structure model' '_struct_conn.ptnr1_symmetry'                 
31 4 'Structure model' '_struct_conn.ptnr2_auth_comp_id'             
32 4 'Structure model' '_struct_conn.ptnr2_auth_seq_id'              
33 4 'Structure model' '_struct_conn.ptnr2_label_asym_id'            
34 4 'Structure model' '_struct_conn.ptnr2_label_atom_id'            
35 4 'Structure model' '_struct_conn.ptnr2_label_comp_id'            
36 4 'Structure model' '_struct_conn.ptnr2_label_seq_id'             
37 4 'Structure model' '_struct_conn.ptnr2_symmetry'                 
38 4 'Structure model' '_struct_site.pdbx_auth_asym_id'              
39 4 'Structure model' '_struct_site.pdbx_auth_comp_id'              
40 4 'Structure model' '_struct_site.pdbx_auth_seq_id'               
# 
loop_
_software.name 
_software.classification 
_software.version 
_software.citation_id 
_software.pdbx_ordinal 
SHELX     'model building' . ? 1 
SHELXL-97 refinement       . ? 2 
DENZO     'data reduction' . ? 3 
SCALEPACK 'data scaling'   . ? 4 
SHELX     phasing          . ? 5 
# 
loop_
_pdbx_validate_rmsd_angle.id 
_pdbx_validate_rmsd_angle.PDB_model_num 
_pdbx_validate_rmsd_angle.auth_atom_id_1 
_pdbx_validate_rmsd_angle.auth_asym_id_1 
_pdbx_validate_rmsd_angle.auth_comp_id_1 
_pdbx_validate_rmsd_angle.auth_seq_id_1 
_pdbx_validate_rmsd_angle.PDB_ins_code_1 
_pdbx_validate_rmsd_angle.label_alt_id_1 
_pdbx_validate_rmsd_angle.auth_atom_id_2 
_pdbx_validate_rmsd_angle.auth_asym_id_2 
_pdbx_validate_rmsd_angle.auth_comp_id_2 
_pdbx_validate_rmsd_angle.auth_seq_id_2 
_pdbx_validate_rmsd_angle.PDB_ins_code_2 
_pdbx_validate_rmsd_angle.label_alt_id_2 
_pdbx_validate_rmsd_angle.auth_atom_id_3 
_pdbx_validate_rmsd_angle.auth_asym_id_3 
_pdbx_validate_rmsd_angle.auth_comp_id_3 
_pdbx_validate_rmsd_angle.auth_seq_id_3 
_pdbx_validate_rmsd_angle.PDB_ins_code_3 
_pdbx_validate_rmsd_angle.label_alt_id_3 
_pdbx_validate_rmsd_angle.angle_value 
_pdbx_validate_rmsd_angle.angle_target_value 
_pdbx_validate_rmsd_angle.angle_deviation 
_pdbx_validate_rmsd_angle.angle_standard_deviation 
_pdbx_validate_rmsd_angle.linker_flag 
1  1 "O4'" A DG 1 ? ? "C1'" A DG 1 ? ? N9    A DG 1 ? ? 102.69 108.00 -5.31 0.70 N 
2  1 C5    A DG 1 ? ? C6    A DG 1 ? ? O6    A DG 1 ? ? 124.94 128.60 -3.66 0.60 N 
3  1 OP1   A DT 2 ? ? P     A DT 2 ? ? OP2   A DT 2 ? ? 129.00 119.60 9.40  1.50 N 
4  1 "O4'" A DT 2 ? ? "C1'" A DT 2 ? ? N1    A DT 2 ? ? 101.50 108.00 -6.50 0.70 N 
5  1 "C3'" A DT 2 ? ? "O3'" A DT 2 ? ? P     A DA 3 ? ? 131.41 119.70 11.71 1.20 Y 
6  1 "O5'" A DA 3 ? ? "C5'" A DA 3 ? ? "C4'" A DA 3 ? ? 104.45 109.40 -4.95 0.80 N 
7  1 OP1   A DC 4 ? ? P     A DC 4 ? ? OP2   A DC 4 ? ? 129.85 119.60 10.25 1.50 N 
8  1 "O5'" A DC 4 ? ? "C5'" A DC 4 ? ? "C4'" A DC 4 ? ? 100.63 109.40 -8.77 0.80 N 
9  1 OP1   A DG 5 ? ? P     A DG 5 ? ? OP2   A DG 5 ? ? 129.46 119.60 9.86  1.50 N 
10 1 "O5'" A DG 5 ? ? "C5'" A DG 5 ? ? "C4'" A DG 5 ? ? 102.41 109.40 -6.99 0.80 N 
11 1 N1    B DC 1 ? ? "C1'" B DC 1 ? ? "C2'" B DC 1 ? ? 123.26 114.30 8.96  1.40 N 
12 1 "O4'" B DC 1 ? ? "C1'" B DC 1 ? ? N1    B DC 1 ? ? 102.50 108.00 -5.50 0.70 N 
13 1 "O5'" B DG 2 ? ? "C5'" B DG 2 ? ? "C4'" B DG 2 ? ? 102.39 109.40 -7.01 0.80 N 
14 1 "O4'" B DG 2 ? ? "C1'" B DG 2 ? ? N9    B DG 2 ? ? 111.05 108.30 2.75  0.30 N 
15 1 N9    B DG 2 ? ? C4    B DG 2 ? ? C5    B DG 2 ? ? 107.81 105.40 2.41  0.40 N 
16 1 N1    B DG 2 ? ? C6    B DG 2 ? ? O6    B DG 2 ? ? 114.55 119.90 -5.35 0.60 N 
17 1 C5    B DG 2 ? ? C6    B DG 2 ? ? O6    B DG 2 ? ? 133.56 128.60 4.96  0.60 N 
18 1 OP1   B DT 3 ? ? P     B DT 3 ? ? OP2   B DT 3 ? ? 132.88 119.60 13.28 1.50 N 
19 1 OP1   B DA 4 ? ? P     B DA 4 ? ? OP2   B DA 4 ? ? 129.00 119.60 9.40  1.50 N 
20 1 OP1   B DC 5 ? ? P     B DC 5 ? ? OP2   B DC 5 ? ? 133.75 119.60 14.15 1.50 N 
21 1 "C3'" B DC 5 ? ? "C2'" B DC 5 ? ? "C1'" B DC 5 ? ? 97.47  102.40 -4.93 0.80 N 
22 1 N1    B DC 5 ? ? C2    B DC 5 ? ? O2    B DC 5 ? ? 115.07 118.90 -3.83 0.60 N 
23 1 N3    B DG 6 ? ? C2    B DG 6 ? ? N2    B DG 6 ? ? 124.70 119.90 4.80  0.70 N 
# 
loop_
_pdbx_unobs_or_zero_occ_atoms.id 
_pdbx_unobs_or_zero_occ_atoms.PDB_model_num 
_pdbx_unobs_or_zero_occ_atoms.polymer_flag 
_pdbx_unobs_or_zero_occ_atoms.occupancy_flag 
_pdbx_unobs_or_zero_occ_atoms.auth_asym_id 
_pdbx_unobs_or_zero_occ_atoms.auth_comp_id 
_pdbx_unobs_or_zero_occ_atoms.auth_seq_id 
_pdbx_unobs_or_zero_occ_atoms.PDB_ins_code 
_pdbx_unobs_or_zero_occ_atoms.auth_atom_id 
_pdbx_unobs_or_zero_occ_atoms.label_alt_id 
_pdbx_unobs_or_zero_occ_atoms.label_asym_id 
_pdbx_unobs_or_zero_occ_atoms.label_comp_id 
_pdbx_unobs_or_zero_occ_atoms.label_seq_id 
_pdbx_unobs_or_zero_occ_atoms.label_atom_id 
1  1 N 1 A 7AD 101 ? C10 ? D 7AD 1 C10 
2  1 N 1 A 7AD 101 ? O1  ? D 7AD 1 O1  
3  1 N 1 A 7AD 101 ? N2  ? D 7AD 1 N2  
4  1 N 1 A 7AD 101 ? C15 ? D 7AD 1 C15 
5  1 N 1 A 7AD 101 ? C16 ? D 7AD 1 C16 
6  1 N 1 A 7AD 101 ? C17 ? D 7AD 1 C17 
7  1 N 1 A 7AD 101 ? N3  ? D 7AD 1 N3  
8  1 N 1 A 7AD 101 ? C18 ? D 7AD 1 C18 
9  1 N 1 A 7AD 101 ? C19 ? D 7AD 1 C19 
10 1 N 1 A 7AD 601 ? C10 ? E 7AD 1 C10 
11 1 N 1 A 7AD 601 ? O1  ? E 7AD 1 O1  
12 1 N 1 A 7AD 601 ? N2  ? E 7AD 1 N2  
13 1 N 1 A 7AD 601 ? C15 ? E 7AD 1 C15 
14 1 N 1 A 7AD 601 ? C16 ? E 7AD 1 C16 
15 1 N 1 A 7AD 601 ? C17 ? E 7AD 1 C17 
16 1 N 1 A 7AD 601 ? N3  ? E 7AD 1 N3  
17 1 N 1 A 7AD 601 ? C18 ? E 7AD 1 C18 
18 1 N 1 A 7AD 601 ? C19 ? E 7AD 1 C19 
19 1 N 1 B 7AD 401 ? C10 ? I 7AD 1 C10 
20 1 N 1 B 7AD 401 ? O1  ? I 7AD 1 O1  
21 1 N 1 B 7AD 401 ? N2  ? I 7AD 1 N2  
22 1 N 1 B 7AD 401 ? C15 ? I 7AD 1 C15 
23 1 N 1 B 7AD 401 ? C16 ? I 7AD 1 C16 
24 1 N 1 B 7AD 401 ? C17 ? I 7AD 1 C17 
25 1 N 1 B 7AD 401 ? N3  ? I 7AD 1 N3  
26 1 N 1 B 7AD 401 ? C18 ? I 7AD 1 C18 
27 1 N 1 B 7AD 401 ? C19 ? I 7AD 1 C19 
# 
_pdbx_unobs_or_zero_occ_residues.id               1 
_pdbx_unobs_or_zero_occ_residues.PDB_model_num    1 
_pdbx_unobs_or_zero_occ_residues.polymer_flag     Y 
_pdbx_unobs_or_zero_occ_residues.occupancy_flag   1 
_pdbx_unobs_or_zero_occ_residues.auth_asym_id     A 
_pdbx_unobs_or_zero_occ_residues.auth_comp_id     DC 
_pdbx_unobs_or_zero_occ_residues.auth_seq_id      0 
_pdbx_unobs_or_zero_occ_residues.PDB_ins_code     ? 
_pdbx_unobs_or_zero_occ_residues.label_asym_id    A 
_pdbx_unobs_or_zero_occ_residues.label_comp_id    DC 
_pdbx_unobs_or_zero_occ_residues.label_seq_id     1 
# 
loop_
_chem_comp_atom.comp_id 
_chem_comp_atom.atom_id 
_chem_comp_atom.type_symbol 
_chem_comp_atom.pdbx_aromatic_flag 
_chem_comp_atom.pdbx_stereo_config 
_chem_comp_atom.pdbx_ordinal 
7AD C1     C  Y N 1   
7AD C2     C  Y N 2   
7AD C3     C  Y N 3   
7AD C4     C  Y N 4   
7AD C5     C  Y N 5   
7AD C6     C  Y N 6   
7AD C7     C  Y N 7   
7AD C8     C  Y N 8   
7AD C9     C  Y N 9   
7AD N10    N  Y N 10  
7AD C11    C  Y N 11  
7AD C12    C  Y N 12  
7AD C13    C  Y N 13  
7AD C14    C  Y N 14  
7AD N1     N  N N 15  
7AD C10    C  N N 16  
7AD O1     O  N N 17  
7AD N2     N  N N 18  
7AD C15    C  N N 19  
7AD C16    C  N N 20  
7AD C17    C  N N 21  
7AD N3     N  N N 22  
7AD C18    C  N N 23  
7AD C19    C  N N 24  
7AD H1     H  N N 25  
7AD H2     H  N N 26  
7AD H3     H  N N 27  
7AD H5     H  N N 28  
7AD H6     H  N N 29  
7AD H7     H  N N 30  
7AD H8     H  N N 31  
7AD HN11   H  N N 32  
7AD HN12   H  N N 33  
7AD HN2    H  N N 34  
7AD H151   H  N N 35  
7AD H152   H  N N 36  
7AD H161   H  N N 37  
7AD H162   H  N N 38  
7AD H171   H  N N 39  
7AD H172   H  N N 40  
7AD H181   H  N N 41  
7AD H182   H  N N 42  
7AD H183   H  N N 43  
7AD H191   H  N N 44  
7AD H192   H  N N 45  
7AD H193   H  N N 46  
CO  CO     CO N N 47  
DA  OP3    O  N N 48  
DA  P      P  N N 49  
DA  OP1    O  N N 50  
DA  OP2    O  N N 51  
DA  "O5'"  O  N N 52  
DA  "C5'"  C  N N 53  
DA  "C4'"  C  N R 54  
DA  "O4'"  O  N N 55  
DA  "C3'"  C  N S 56  
DA  "O3'"  O  N N 57  
DA  "C2'"  C  N N 58  
DA  "C1'"  C  N R 59  
DA  N9     N  Y N 60  
DA  C8     C  Y N 61  
DA  N7     N  Y N 62  
DA  C5     C  Y N 63  
DA  C6     C  Y N 64  
DA  N6     N  N N 65  
DA  N1     N  Y N 66  
DA  C2     C  Y N 67  
DA  N3     N  Y N 68  
DA  C4     C  Y N 69  
DA  HOP3   H  N N 70  
DA  HOP2   H  N N 71  
DA  "H5'"  H  N N 72  
DA  "H5''" H  N N 73  
DA  "H4'"  H  N N 74  
DA  "H3'"  H  N N 75  
DA  "HO3'" H  N N 76  
DA  "H2'"  H  N N 77  
DA  "H2''" H  N N 78  
DA  "H1'"  H  N N 79  
DA  H8     H  N N 80  
DA  H61    H  N N 81  
DA  H62    H  N N 82  
DA  H2     H  N N 83  
DC  OP3    O  N N 84  
DC  P      P  N N 85  
DC  OP1    O  N N 86  
DC  OP2    O  N N 87  
DC  "O5'"  O  N N 88  
DC  "C5'"  C  N N 89  
DC  "C4'"  C  N R 90  
DC  "O4'"  O  N N 91  
DC  "C3'"  C  N S 92  
DC  "O3'"  O  N N 93  
DC  "C2'"  C  N N 94  
DC  "C1'"  C  N R 95  
DC  N1     N  N N 96  
DC  C2     C  N N 97  
DC  O2     O  N N 98  
DC  N3     N  N N 99  
DC  C4     C  N N 100 
DC  N4     N  N N 101 
DC  C5     C  N N 102 
DC  C6     C  N N 103 
DC  HOP3   H  N N 104 
DC  HOP2   H  N N 105 
DC  "H5'"  H  N N 106 
DC  "H5''" H  N N 107 
DC  "H4'"  H  N N 108 
DC  "H3'"  H  N N 109 
DC  "HO3'" H  N N 110 
DC  "H2'"  H  N N 111 
DC  "H2''" H  N N 112 
DC  "H1'"  H  N N 113 
DC  H41    H  N N 114 
DC  H42    H  N N 115 
DC  H5     H  N N 116 
DC  H6     H  N N 117 
DG  OP3    O  N N 118 
DG  P      P  N N 119 
DG  OP1    O  N N 120 
DG  OP2    O  N N 121 
DG  "O5'"  O  N N 122 
DG  "C5'"  C  N N 123 
DG  "C4'"  C  N R 124 
DG  "O4'"  O  N N 125 
DG  "C3'"  C  N S 126 
DG  "O3'"  O  N N 127 
DG  "C2'"  C  N N 128 
DG  "C1'"  C  N R 129 
DG  N9     N  Y N 130 
DG  C8     C  Y N 131 
DG  N7     N  Y N 132 
DG  C5     C  Y N 133 
DG  C6     C  N N 134 
DG  O6     O  N N 135 
DG  N1     N  N N 136 
DG  C2     C  N N 137 
DG  N2     N  N N 138 
DG  N3     N  N N 139 
DG  C4     C  Y N 140 
DG  HOP3   H  N N 141 
DG  HOP2   H  N N 142 
DG  "H5'"  H  N N 143 
DG  "H5''" H  N N 144 
DG  "H4'"  H  N N 145 
DG  "H3'"  H  N N 146 
DG  "HO3'" H  N N 147 
DG  "H2'"  H  N N 148 
DG  "H2''" H  N N 149 
DG  "H1'"  H  N N 150 
DG  H8     H  N N 151 
DG  H1     H  N N 152 
DG  H21    H  N N 153 
DG  H22    H  N N 154 
DT  OP3    O  N N 155 
DT  P      P  N N 156 
DT  OP1    O  N N 157 
DT  OP2    O  N N 158 
DT  "O5'"  O  N N 159 
DT  "C5'"  C  N N 160 
DT  "C4'"  C  N R 161 
DT  "O4'"  O  N N 162 
DT  "C3'"  C  N S 163 
DT  "O3'"  O  N N 164 
DT  "C2'"  C  N N 165 
DT  "C1'"  C  N R 166 
DT  N1     N  N N 167 
DT  C2     C  N N 168 
DT  O2     O  N N 169 
DT  N3     N  N N 170 
DT  C4     C  N N 171 
DT  O4     O  N N 172 
DT  C5     C  N N 173 
DT  C7     C  N N 174 
DT  C6     C  N N 175 
DT  HOP3   H  N N 176 
DT  HOP2   H  N N 177 
DT  "H5'"  H  N N 178 
DT  "H5''" H  N N 179 
DT  "H4'"  H  N N 180 
DT  "H3'"  H  N N 181 
DT  "HO3'" H  N N 182 
DT  "H2'"  H  N N 183 
DT  "H2''" H  N N 184 
DT  "H1'"  H  N N 185 
DT  H3     H  N N 186 
DT  H71    H  N N 187 
DT  H72    H  N N 188 
DT  H73    H  N N 189 
DT  H6     H  N N 190 
HOH O      O  N N 191 
HOH H1     H  N N 192 
HOH H2     H  N N 193 
MG  MG     MG N N 194 
# 
loop_
_chem_comp_bond.comp_id 
_chem_comp_bond.atom_id_1 
_chem_comp_bond.atom_id_2 
_chem_comp_bond.value_order 
_chem_comp_bond.pdbx_aromatic_flag 
_chem_comp_bond.pdbx_stereo_config 
_chem_comp_bond.pdbx_ordinal 
7AD C1    C2     doub Y N 1   
7AD C1    C11    sing Y N 2   
7AD C1    H1     sing N N 3   
7AD C2    C3     sing Y N 4   
7AD C2    H2     sing N N 5   
7AD C3    C4     doub Y N 6   
7AD C3    H3     sing N N 7   
7AD C4    C12    sing Y N 8   
7AD C4    C10    sing N N 9   
7AD C5    C6     doub Y N 10  
7AD C5    C14    sing Y N 11  
7AD C5    H5     sing N N 12  
7AD C6    C7     sing Y N 13  
7AD C6    H6     sing N N 14  
7AD C7    C8     doub Y N 15  
7AD C7    H7     sing N N 16  
7AD C8    C13    sing Y N 17  
7AD C8    H8     sing N N 18  
7AD C9    C11    sing Y N 19  
7AD C9    C13    doub Y N 20  
7AD C9    N1     sing N N 21  
7AD N10   C12    sing Y N 22  
7AD N10   C14    doub Y N 23  
7AD C11   C12    doub Y N 24  
7AD C13   C14    sing Y N 25  
7AD N1    HN11   sing N N 26  
7AD N1    HN12   sing N N 27  
7AD C10   O1     doub N N 28  
7AD C10   N2     sing N N 29  
7AD N2    C15    sing N N 30  
7AD N2    HN2    sing N N 31  
7AD C15   C16    sing N N 32  
7AD C15   H151   sing N N 33  
7AD C15   H152   sing N N 34  
7AD C16   C17    sing N N 35  
7AD C16   H161   sing N N 36  
7AD C16   H162   sing N N 37  
7AD C17   N3     sing N N 38  
7AD C17   H171   sing N N 39  
7AD C17   H172   sing N N 40  
7AD N3    C18    sing N N 41  
7AD N3    C19    sing N N 42  
7AD C18   H181   sing N N 43  
7AD C18   H182   sing N N 44  
7AD C18   H183   sing N N 45  
7AD C19   H191   sing N N 46  
7AD C19   H192   sing N N 47  
7AD C19   H193   sing N N 48  
DA  OP3   P      sing N N 49  
DA  OP3   HOP3   sing N N 50  
DA  P     OP1    doub N N 51  
DA  P     OP2    sing N N 52  
DA  P     "O5'"  sing N N 53  
DA  OP2   HOP2   sing N N 54  
DA  "O5'" "C5'"  sing N N 55  
DA  "C5'" "C4'"  sing N N 56  
DA  "C5'" "H5'"  sing N N 57  
DA  "C5'" "H5''" sing N N 58  
DA  "C4'" "O4'"  sing N N 59  
DA  "C4'" "C3'"  sing N N 60  
DA  "C4'" "H4'"  sing N N 61  
DA  "O4'" "C1'"  sing N N 62  
DA  "C3'" "O3'"  sing N N 63  
DA  "C3'" "C2'"  sing N N 64  
DA  "C3'" "H3'"  sing N N 65  
DA  "O3'" "HO3'" sing N N 66  
DA  "C2'" "C1'"  sing N N 67  
DA  "C2'" "H2'"  sing N N 68  
DA  "C2'" "H2''" sing N N 69  
DA  "C1'" N9     sing N N 70  
DA  "C1'" "H1'"  sing N N 71  
DA  N9    C8     sing Y N 72  
DA  N9    C4     sing Y N 73  
DA  C8    N7     doub Y N 74  
DA  C8    H8     sing N N 75  
DA  N7    C5     sing Y N 76  
DA  C5    C6     sing Y N 77  
DA  C5    C4     doub Y N 78  
DA  C6    N6     sing N N 79  
DA  C6    N1     doub Y N 80  
DA  N6    H61    sing N N 81  
DA  N6    H62    sing N N 82  
DA  N1    C2     sing Y N 83  
DA  C2    N3     doub Y N 84  
DA  C2    H2     sing N N 85  
DA  N3    C4     sing Y N 86  
DC  OP3   P      sing N N 87  
DC  OP3   HOP3   sing N N 88  
DC  P     OP1    doub N N 89  
DC  P     OP2    sing N N 90  
DC  P     "O5'"  sing N N 91  
DC  OP2   HOP2   sing N N 92  
DC  "O5'" "C5'"  sing N N 93  
DC  "C5'" "C4'"  sing N N 94  
DC  "C5'" "H5'"  sing N N 95  
DC  "C5'" "H5''" sing N N 96  
DC  "C4'" "O4'"  sing N N 97  
DC  "C4'" "C3'"  sing N N 98  
DC  "C4'" "H4'"  sing N N 99  
DC  "O4'" "C1'"  sing N N 100 
DC  "C3'" "O3'"  sing N N 101 
DC  "C3'" "C2'"  sing N N 102 
DC  "C3'" "H3'"  sing N N 103 
DC  "O3'" "HO3'" sing N N 104 
DC  "C2'" "C1'"  sing N N 105 
DC  "C2'" "H2'"  sing N N 106 
DC  "C2'" "H2''" sing N N 107 
DC  "C1'" N1     sing N N 108 
DC  "C1'" "H1'"  sing N N 109 
DC  N1    C2     sing N N 110 
DC  N1    C6     sing N N 111 
DC  C2    O2     doub N N 112 
DC  C2    N3     sing N N 113 
DC  N3    C4     doub N N 114 
DC  C4    N4     sing N N 115 
DC  C4    C5     sing N N 116 
DC  N4    H41    sing N N 117 
DC  N4    H42    sing N N 118 
DC  C5    C6     doub N N 119 
DC  C5    H5     sing N N 120 
DC  C6    H6     sing N N 121 
DG  OP3   P      sing N N 122 
DG  OP3   HOP3   sing N N 123 
DG  P     OP1    doub N N 124 
DG  P     OP2    sing N N 125 
DG  P     "O5'"  sing N N 126 
DG  OP2   HOP2   sing N N 127 
DG  "O5'" "C5'"  sing N N 128 
DG  "C5'" "C4'"  sing N N 129 
DG  "C5'" "H5'"  sing N N 130 
DG  "C5'" "H5''" sing N N 131 
DG  "C4'" "O4'"  sing N N 132 
DG  "C4'" "C3'"  sing N N 133 
DG  "C4'" "H4'"  sing N N 134 
DG  "O4'" "C1'"  sing N N 135 
DG  "C3'" "O3'"  sing N N 136 
DG  "C3'" "C2'"  sing N N 137 
DG  "C3'" "H3'"  sing N N 138 
DG  "O3'" "HO3'" sing N N 139 
DG  "C2'" "C1'"  sing N N 140 
DG  "C2'" "H2'"  sing N N 141 
DG  "C2'" "H2''" sing N N 142 
DG  "C1'" N9     sing N N 143 
DG  "C1'" "H1'"  sing N N 144 
DG  N9    C8     sing Y N 145 
DG  N9    C4     sing Y N 146 
DG  C8    N7     doub Y N 147 
DG  C8    H8     sing N N 148 
DG  N7    C5     sing Y N 149 
DG  C5    C6     sing N N 150 
DG  C5    C4     doub Y N 151 
DG  C6    O6     doub N N 152 
DG  C6    N1     sing N N 153 
DG  N1    C2     sing N N 154 
DG  N1    H1     sing N N 155 
DG  C2    N2     sing N N 156 
DG  C2    N3     doub N N 157 
DG  N2    H21    sing N N 158 
DG  N2    H22    sing N N 159 
DG  N3    C4     sing N N 160 
DT  OP3   P      sing N N 161 
DT  OP3   HOP3   sing N N 162 
DT  P     OP1    doub N N 163 
DT  P     OP2    sing N N 164 
DT  P     "O5'"  sing N N 165 
DT  OP2   HOP2   sing N N 166 
DT  "O5'" "C5'"  sing N N 167 
DT  "C5'" "C4'"  sing N N 168 
DT  "C5'" "H5'"  sing N N 169 
DT  "C5'" "H5''" sing N N 170 
DT  "C4'" "O4'"  sing N N 171 
DT  "C4'" "C3'"  sing N N 172 
DT  "C4'" "H4'"  sing N N 173 
DT  "O4'" "C1'"  sing N N 174 
DT  "C3'" "O3'"  sing N N 175 
DT  "C3'" "C2'"  sing N N 176 
DT  "C3'" "H3'"  sing N N 177 
DT  "O3'" "HO3'" sing N N 178 
DT  "C2'" "C1'"  sing N N 179 
DT  "C2'" "H2'"  sing N N 180 
DT  "C2'" "H2''" sing N N 181 
DT  "C1'" N1     sing N N 182 
DT  "C1'" "H1'"  sing N N 183 
DT  N1    C2     sing N N 184 
DT  N1    C6     sing N N 185 
DT  C2    O2     doub N N 186 
DT  C2    N3     sing N N 187 
DT  N3    C4     sing N N 188 
DT  N3    H3     sing N N 189 
DT  C4    O4     doub N N 190 
DT  C4    C5     sing N N 191 
DT  C5    C7     sing N N 192 
DT  C5    C6     doub N N 193 
DT  C7    H71    sing N N 194 
DT  C7    H72    sing N N 195 
DT  C7    H73    sing N N 196 
DT  C6    H6     sing N N 197 
HOH O     H1     sing N N 198 
HOH O     H2     sing N N 199 
# 
loop_
_ndb_struct_conf_na.entry_id 
_ndb_struct_conf_na.feature 
1RQY 'double helix'        
1RQY 'b-form double helix' 
# 
loop_
_ndb_struct_na_base_pair.model_number 
_ndb_struct_na_base_pair.i_label_asym_id 
_ndb_struct_na_base_pair.i_label_comp_id 
_ndb_struct_na_base_pair.i_label_seq_id 
_ndb_struct_na_base_pair.i_symmetry 
_ndb_struct_na_base_pair.j_label_asym_id 
_ndb_struct_na_base_pair.j_label_comp_id 
_ndb_struct_na_base_pair.j_label_seq_id 
_ndb_struct_na_base_pair.j_symmetry 
_ndb_struct_na_base_pair.shear 
_ndb_struct_na_base_pair.stretch 
_ndb_struct_na_base_pair.stagger 
_ndb_struct_na_base_pair.buckle 
_ndb_struct_na_base_pair.propeller 
_ndb_struct_na_base_pair.opening 
_ndb_struct_na_base_pair.pair_number 
_ndb_struct_na_base_pair.pair_name 
_ndb_struct_na_base_pair.i_auth_asym_id 
_ndb_struct_na_base_pair.i_auth_seq_id 
_ndb_struct_na_base_pair.i_PDB_ins_code 
_ndb_struct_na_base_pair.j_auth_asym_id 
_ndb_struct_na_base_pair.j_auth_seq_id 
_ndb_struct_na_base_pair.j_PDB_ins_code 
_ndb_struct_na_base_pair.hbond_type_28 
_ndb_struct_na_base_pair.hbond_type_12 
1 A DG 2 1_555 B DC 5 1_555 -0.383 -0.150 -0.167 -11.940 4.022  1.256  1 A_DG1:DC5_B A 1 ? B 5 ? 19 1 
1 A DT 3 1_555 B DA 4 1_555 0.075  -0.220 0.154  1.411   -0.966 1.319  2 A_DT2:DA4_B A 2 ? B 4 ? 20 1 
1 A DA 4 1_555 B DT 3 1_555 -0.014 -0.070 -0.355 -4.441  3.136  -4.866 3 A_DA3:DT3_B A 3 ? B 3 ? 20 1 
1 A DC 5 1_555 B DG 2 1_555 0.203  0.018  -0.275 18.309  0.851  0.685  4 A_DC4:DG2_B A 4 ? B 2 ? 19 1 
# 
loop_
_ndb_struct_na_base_pair_step.model_number 
_ndb_struct_na_base_pair_step.i_label_asym_id_1 
_ndb_struct_na_base_pair_step.i_label_comp_id_1 
_ndb_struct_na_base_pair_step.i_label_seq_id_1 
_ndb_struct_na_base_pair_step.i_symmetry_1 
_ndb_struct_na_base_pair_step.j_label_asym_id_1 
_ndb_struct_na_base_pair_step.j_label_comp_id_1 
_ndb_struct_na_base_pair_step.j_label_seq_id_1 
_ndb_struct_na_base_pair_step.j_symmetry_1 
_ndb_struct_na_base_pair_step.i_label_asym_id_2 
_ndb_struct_na_base_pair_step.i_label_comp_id_2 
_ndb_struct_na_base_pair_step.i_label_seq_id_2 
_ndb_struct_na_base_pair_step.i_symmetry_2 
_ndb_struct_na_base_pair_step.j_label_asym_id_2 
_ndb_struct_na_base_pair_step.j_label_comp_id_2 
_ndb_struct_na_base_pair_step.j_label_seq_id_2 
_ndb_struct_na_base_pair_step.j_symmetry_2 
_ndb_struct_na_base_pair_step.shift 
_ndb_struct_na_base_pair_step.slide 
_ndb_struct_na_base_pair_step.rise 
_ndb_struct_na_base_pair_step.tilt 
_ndb_struct_na_base_pair_step.roll 
_ndb_struct_na_base_pair_step.twist 
_ndb_struct_na_base_pair_step.x_displacement 
_ndb_struct_na_base_pair_step.y_displacement 
_ndb_struct_na_base_pair_step.helical_rise 
_ndb_struct_na_base_pair_step.inclination 
_ndb_struct_na_base_pair_step.tip 
_ndb_struct_na_base_pair_step.helical_twist 
_ndb_struct_na_base_pair_step.step_number 
_ndb_struct_na_base_pair_step.step_name 
_ndb_struct_na_base_pair_step.i_auth_asym_id_1 
_ndb_struct_na_base_pair_step.i_auth_seq_id_1 
_ndb_struct_na_base_pair_step.i_PDB_ins_code_1 
_ndb_struct_na_base_pair_step.j_auth_asym_id_1 
_ndb_struct_na_base_pair_step.j_auth_seq_id_1 
_ndb_struct_na_base_pair_step.j_PDB_ins_code_1 
_ndb_struct_na_base_pair_step.i_auth_asym_id_2 
_ndb_struct_na_base_pair_step.i_auth_seq_id_2 
_ndb_struct_na_base_pair_step.i_PDB_ins_code_2 
_ndb_struct_na_base_pair_step.j_auth_asym_id_2 
_ndb_struct_na_base_pair_step.j_auth_seq_id_2 
_ndb_struct_na_base_pair_step.j_PDB_ins_code_2 
1 A DG 2 1_555 B DC 5 1_555 A DT 3 1_555 B DA 4 1_555 -0.166 -0.262 3.041 -2.580 3.928 26.841 -1.467 -0.246 2.976 8.381 5.505  
27.242 1 AA_DG1DT2:DA4DC5_BB A 1 ? B 5 ? A 2 ? B 4 ? 
1 A DT 3 1_555 B DA 4 1_555 A DA 4 1_555 B DT 3 1_555 -0.132 -0.411 3.316 3.521  3.172 37.110 -1.061 0.672  3.246 4.958 -5.505 
37.401 2 AA_DT2DA3:DT3DA4_BB A 2 ? B 4 ? A 3 ? B 3 ? 
1 A DA 4 1_555 B DT 3 1_555 A DC 5 1_555 B DG 2 1_555 0.899  -0.491 2.883 -3.459 4.491 27.316 -1.933 -2.570 2.638 9.382 7.225  
27.887 3 AA_DA3DC4:DG2DT3_BB A 3 ? B 3 ? A 4 ? B 2 ? 
# 
loop_
_pdbx_entity_nonpoly.entity_id 
_pdbx_entity_nonpoly.name 
_pdbx_entity_nonpoly.comp_id 
2 'COBALT (II) ION'                                           CO  
3 '9-AMINO-N-[3-(DIMETHYLAMINO)PROPYL]ACRIDINE-4-CARBOXAMIDE' 7AD 
4 'MAGNESIUM ION'                                             MG  
5 water                                                       HOH 
# 
_pdbx_initial_refinement_model.id               1 
_pdbx_initial_refinement_model.entity_id_list   ? 
_pdbx_initial_refinement_model.type             'experimental model' 
_pdbx_initial_refinement_model.source_name      PDB 
_pdbx_initial_refinement_model.accession_code   1FN1 
_pdbx_initial_refinement_model.details          'PDB entry 1FN1' 
# 
